data_3CN8
#
_entry.id   3CN8
#
_cell.length_a   102.524
_cell.length_b   215.458
_cell.length_c   119.190
_cell.angle_alpha   90.000
_cell.angle_beta   90.000
_cell.angle_gamma   90.000
#
_symmetry.space_group_name_H-M   'C 2 2 21'
#
loop_
_entity.id
_entity.type
_entity.pdbx_description
1 polymer 'Polyamine oxidase FMS1'
2 non-polymer SPERMIDINE
3 non-polymer 'FLAVIN-ADENINE DINUCLEOTIDE'
4 water water
#
_entity_poly.entity_id   1
_entity_poly.type   'polypeptide(L)'
_entity_poly.pdbx_seq_one_letter_code
;MNTVSPAKKKVIIIGAGIAGLKAASTLHQNGIQDCLVLEARDRVGGRLQTVTGYQGRKYDIGASWHHDTLTNPLFLEEAQ
LSLNDGRTRFVFDDDNFIYIDEERGRVDHDKELLLEIVDNEMSKFAELEFHQHLGVSDCSFFQLVMKYLLQRRQFLTNDQ
IRYLPQLCRYLELWHGLDWKLLSAKDTYFGHQGRNAFALNYDSVVQRIAQSFPQNWLKLSCEVKSITREPSKNVTVNCED
GTVYNADYVIITVPQSVLNLSVQPEKNLRGRIEFQPPLKPVIQDAFDKIHFGALGKVIFEFEECCWSNESSKIVTLANST
NEFVEIVRNAENLDELDSMLEREDSQKHTSVTCWSQPLFFVNLSKSTGVASFMMLMQAPLTNHIESIREDKERLFSFFQP
VLNKIMKCLDSEDVIDGMRPIENIANANKPVLRNIIVSNWTRDPYSRGAYSACFPGDDPVDMVVAMSNGQDSRIRFAGEH
TIMDGAGCAYGAWESGRREATRISDLLKLEHHHHHH
;
_entity_poly.pdbx_strand_id   B,A
#
# COMPACT_ATOMS: atom_id res chain seq x y z
N LYS A 8 -48.35 19.37 -9.07
CA LYS A 8 -48.56 19.93 -7.71
C LYS A 8 -47.24 20.24 -7.04
N LYS A 9 -46.21 19.47 -7.37
CA LYS A 9 -44.88 19.67 -6.79
C LYS A 9 -43.82 19.78 -7.87
N LYS A 10 -42.72 20.46 -7.54
CA LYS A 10 -41.63 20.63 -8.49
C LYS A 10 -40.74 19.40 -8.49
N VAL A 11 -40.22 19.04 -7.33
CA VAL A 11 -39.36 17.86 -7.21
C VAL A 11 -39.81 16.95 -6.06
N ILE A 12 -39.83 15.65 -6.33
CA ILE A 12 -40.21 14.68 -5.32
C ILE A 12 -39.04 13.75 -5.03
N ILE A 13 -38.55 13.78 -3.79
CA ILE A 13 -37.44 12.94 -3.36
C ILE A 13 -37.99 11.73 -2.59
N ILE A 14 -37.67 10.54 -3.09
CA ILE A 14 -38.11 9.30 -2.47
C ILE A 14 -36.97 8.73 -1.64
N GLY A 15 -37.15 8.71 -0.32
CA GLY A 15 -36.12 8.20 0.57
C GLY A 15 -35.46 9.33 1.33
N ALA A 16 -35.46 9.23 2.65
CA ALA A 16 -34.85 10.25 3.48
C ALA A 16 -33.51 9.78 4.06
N GLY A 17 -32.76 9.05 3.24
CA GLY A 17 -31.45 8.61 3.64
C GLY A 17 -30.57 9.83 3.45
N ILE A 18 -29.25 9.71 3.59
CA ILE A 18 -28.42 10.89 3.41
C ILE A 18 -28.43 11.37 1.96
N ALA A 19 -28.69 10.47 1.00
CA ALA A 19 -28.74 10.88 -0.40
C ALA A 19 -29.97 11.76 -0.61
N GLY A 20 -31.10 11.34 -0.06
CA GLY A 20 -32.31 12.10 -0.22
C GLY A 20 -32.31 13.42 0.55
N LEU A 21 -31.77 13.39 1.77
CA LEU A 21 -31.72 14.61 2.59
C LEU A 21 -30.75 15.64 2.02
N LYS A 22 -29.65 15.19 1.43
CA LYS A 22 -28.71 16.15 0.86
C LYS A 22 -29.39 16.78 -0.35
N ALA A 23 -30.07 15.95 -1.14
CA ALA A 23 -30.78 16.41 -2.33
C ALA A 23 -31.86 17.45 -2.00
N ALA A 24 -32.45 17.36 -0.81
CA ALA A 24 -33.46 18.32 -0.40
C ALA A 24 -32.73 19.59 0.04
N SER A 25 -31.68 19.39 0.83
CA SER A 25 -30.88 20.49 1.33
C SER A 25 -30.43 21.37 0.17
N THR A 26 -29.96 20.73 -0.90
CA THR A 26 -29.47 21.43 -2.08
C THR A 26 -30.58 22.23 -2.76
N LEU A 27 -31.64 21.53 -3.17
CA LEU A 27 -32.75 22.18 -3.84
C LEU A 27 -33.14 23.43 -3.06
N HIS A 28 -33.21 23.32 -1.75
CA HIS A 28 -33.56 24.46 -0.92
C HIS A 28 -32.49 25.53 -0.99
N GLN A 29 -31.23 25.09 -1.08
CA GLN A 29 -30.11 26.02 -1.15
C GLN A 29 -30.19 26.83 -2.44
N ASN A 30 -30.89 26.28 -3.43
CA ASN A 30 -31.05 26.97 -4.71
C ASN A 30 -32.48 27.49 -4.84
N GLY A 31 -32.98 28.05 -3.74
CA GLY A 31 -34.32 28.60 -3.72
C GLY A 31 -35.47 27.82 -4.32
N ILE A 32 -35.27 26.56 -4.70
CA ILE A 32 -36.39 25.80 -5.25
C ILE A 32 -37.48 25.69 -4.19
N GLN A 33 -38.74 25.76 -4.63
CA GLN A 33 -39.89 25.69 -3.74
C GLN A 33 -40.68 24.42 -4.00
N ASP A 34 -41.72 24.23 -3.17
CA ASP A 34 -42.63 23.10 -3.29
C ASP A 34 -42.01 21.75 -3.62
N CYS A 35 -41.20 21.25 -2.69
CA CYS A 35 -40.57 19.95 -2.86
C CYS A 35 -40.84 19.19 -1.58
N LEU A 36 -40.96 17.86 -1.67
CA LEU A 36 -41.21 17.08 -0.47
C LEU A 36 -40.39 15.80 -0.46
N VAL A 37 -40.16 15.28 0.74
CA VAL A 37 -39.38 14.06 0.93
C VAL A 37 -40.28 12.95 1.48
N LEU A 38 -40.44 11.88 0.69
CA LEU A 38 -41.27 10.76 1.10
C LEU A 38 -40.40 9.62 1.64
N GLU A 39 -40.53 9.32 2.93
CA GLU A 39 -39.76 8.24 3.56
C GLU A 39 -40.67 7.14 4.13
N ALA A 40 -40.39 5.90 3.74
CA ALA A 40 -41.18 4.76 4.19
C ALA A 40 -41.09 4.51 5.69
N ARG A 41 -39.92 4.74 6.29
CA ARG A 41 -39.74 4.51 7.72
C ARG A 41 -40.31 5.68 8.53
N ASP A 42 -40.35 5.54 9.85
CA ASP A 42 -40.88 6.60 10.71
C ASP A 42 -39.76 7.50 11.22
N ARG A 43 -38.64 7.49 10.51
CA ARG A 43 -37.48 8.28 10.88
C ARG A 43 -36.67 8.55 9.62
N VAL A 44 -35.70 9.46 9.73
CA VAL A 44 -34.83 9.78 8.60
C VAL A 44 -33.49 9.12 8.89
N GLY A 45 -32.59 9.16 7.91
CA GLY A 45 -31.27 8.58 8.09
C GLY A 45 -30.99 7.30 7.31
N GLY A 46 -32.05 6.59 6.95
CA GLY A 46 -31.89 5.34 6.23
C GLY A 46 -30.86 4.41 6.89
N ARG A 47 -29.83 4.04 6.14
CA ARG A 47 -28.79 3.18 6.66
C ARG A 47 -27.87 3.91 7.63
N LEU A 48 -28.22 5.14 7.96
CA LEU A 48 -27.49 5.90 8.98
C LEU A 48 -28.46 5.90 10.16
N GLN A 49 -28.14 5.17 11.22
CA GLN A 49 -29.01 5.13 12.40
C GLN A 49 -28.18 5.01 13.68
N THR A 50 -28.39 5.96 14.60
CA THR A 50 -27.68 5.94 15.88
C THR A 50 -28.68 5.48 16.94
N VAL A 51 -28.37 4.38 17.64
CA VAL A 51 -29.26 3.88 18.67
C VAL A 51 -28.70 4.18 20.06
N THR A 52 -29.54 4.00 21.09
CA THR A 52 -29.13 4.23 22.47
C THR A 52 -29.23 2.95 23.31
N GLY A 53 -28.20 2.69 24.11
CA GLY A 53 -28.19 1.50 24.93
C GLY A 53 -28.00 1.76 26.42
N TYR A 54 -27.26 0.87 27.05
CA TYR A 54 -26.99 0.93 28.49
C TYR A 54 -26.41 2.27 28.93
N GLN A 55 -26.98 2.83 30.00
CA GLN A 55 -26.53 4.09 30.56
C GLN A 55 -26.45 5.25 29.57
N GLY A 56 -27.28 5.21 28.53
CA GLY A 56 -27.27 6.28 27.56
C GLY A 56 -26.17 6.24 26.51
N ARG A 57 -25.42 5.14 26.41
CA ARG A 57 -24.37 5.04 25.40
C ARG A 57 -25.03 5.06 24.01
N LYS A 58 -24.39 5.71 23.06
CA LYS A 58 -24.92 5.79 21.71
C LYS A 58 -24.07 5.01 20.72
N TYR A 59 -24.72 4.38 19.74
CA TYR A 59 -23.97 3.63 18.74
C TYR A 59 -24.58 3.76 17.36
N ASP A 60 -23.73 3.76 16.34
CA ASP A 60 -24.21 3.83 14.98
C ASP A 60 -24.33 2.36 14.57
N ILE A 61 -25.56 1.90 14.38
CA ILE A 61 -25.85 0.53 14.01
C ILE A 61 -25.79 0.39 12.49
N GLY A 62 -25.63 1.53 11.81
CA GLY A 62 -25.51 1.55 10.37
C GLY A 62 -24.10 2.01 10.05
N ALA A 63 -23.97 3.05 9.24
CA ALA A 63 -22.67 3.59 8.89
C ALA A 63 -21.97 4.11 10.14
N SER A 64 -20.66 3.93 10.19
CA SER A 64 -19.88 4.32 11.35
C SER A 64 -18.70 5.23 11.08
N TRP A 65 -18.08 5.09 9.93
CA TRP A 65 -16.89 5.89 9.61
C TRP A 65 -17.03 6.81 8.43
N HIS A 66 -16.14 7.80 8.40
CA HIS A 66 -15.98 8.73 7.30
C HIS A 66 -14.78 8.04 6.65
N HIS A 67 -14.95 7.49 5.44
CA HIS A 67 -13.84 6.84 4.75
C HIS A 67 -13.12 7.82 3.84
N ASP A 68 -11.90 7.48 3.43
CA ASP A 68 -11.09 8.29 2.53
C ASP A 68 -11.03 9.77 2.93
N THR A 69 -10.65 10.05 4.18
CA THR A 69 -10.64 11.41 4.67
C THR A 69 -9.81 12.43 3.90
N LEU A 70 -8.95 11.97 3.00
CA LEU A 70 -8.13 12.88 2.20
C LEU A 70 -9.00 13.56 1.13
N THR A 71 -9.99 12.85 0.62
CA THR A 71 -10.85 13.36 -0.43
C THR A 71 -12.35 13.41 -0.12
N ASN A 72 -12.78 12.68 0.90
CA ASN A 72 -14.19 12.66 1.31
C ASN A 72 -14.71 14.09 1.53
N PRO A 73 -15.53 14.61 0.60
CA PRO A 73 -16.06 15.97 0.73
C PRO A 73 -17.06 16.17 1.87
N LEU A 74 -17.76 15.11 2.27
CA LEU A 74 -18.71 15.20 3.38
C LEU A 74 -17.86 15.40 4.64
N PHE A 75 -16.78 14.62 4.75
CA PHE A 75 -15.88 14.71 5.90
C PHE A 75 -15.21 16.08 6.02
N LEU A 76 -14.73 16.61 4.91
CA LEU A 76 -14.07 17.91 4.91
C LEU A 76 -15.04 18.99 5.37
N GLU A 77 -16.30 18.87 4.95
CA GLU A 77 -17.31 19.83 5.38
C GLU A 77 -17.45 19.75 6.91
N GLU A 78 -17.50 18.54 7.46
CA GLU A 78 -17.61 18.36 8.91
C GLU A 78 -16.37 18.89 9.63
N ALA A 79 -15.21 18.74 8.98
CA ALA A 79 -13.96 19.21 9.56
C ALA A 79 -13.96 20.75 9.69
N GLN A 80 -14.45 21.43 8.66
CA GLN A 80 -14.50 22.88 8.70
C GLN A 80 -15.42 23.35 9.83
N LEU A 81 -16.55 22.67 9.99
CA LEU A 81 -17.48 23.02 11.04
C LEU A 81 -16.77 22.91 12.38
N SER A 82 -15.97 21.87 12.55
CA SER A 82 -15.26 21.69 13.81
C SER A 82 -14.20 22.74 14.06
N LEU A 83 -13.58 23.20 12.98
CA LEU A 83 -12.55 24.21 13.09
C LEU A 83 -13.20 25.49 13.58
N ASN A 84 -14.40 25.75 13.07
CA ASN A 84 -15.17 26.94 13.44
C ASN A 84 -15.77 26.95 14.87
N ASP A 85 -16.36 25.84 15.31
CA ASP A 85 -16.98 25.81 16.65
C ASP A 85 -16.33 24.91 17.70
N GLY A 86 -15.23 24.24 17.35
CA GLY A 86 -14.58 23.37 18.32
C GLY A 86 -15.37 22.14 18.74
N ARG A 87 -16.60 21.99 18.27
CA ARG A 87 -17.37 20.81 18.64
C ARG A 87 -16.71 19.57 18.06
N THR A 88 -16.62 18.51 18.84
CA THR A 88 -16.01 17.27 18.35
C THR A 88 -17.05 16.45 17.58
N ARG A 89 -16.78 16.22 16.29
CA ARG A 89 -17.70 15.46 15.45
C ARG A 89 -17.14 14.10 15.04
N PHE A 90 -15.86 13.86 15.32
CA PHE A 90 -15.24 12.60 14.92
C PHE A 90 -13.87 12.41 15.56
N VAL A 91 -13.34 11.21 15.45
CA VAL A 91 -12.02 10.89 15.98
C VAL A 91 -11.32 9.89 15.05
N PHE A 92 -10.02 10.08 14.82
CA PHE A 92 -9.27 9.17 13.96
C PHE A 92 -8.90 7.94 14.77
N ASP A 93 -9.66 6.87 14.58
CA ASP A 93 -9.45 5.65 15.35
C ASP A 93 -8.68 4.54 14.65
N ASP A 94 -7.97 4.85 13.57
CA ASP A 94 -7.22 3.79 12.91
C ASP A 94 -6.21 3.35 13.97
N ASP A 95 -5.82 2.08 13.93
CA ASP A 95 -4.91 1.57 14.93
C ASP A 95 -4.27 0.32 14.35
N ASN A 96 -3.24 -0.18 15.04
CA ASN A 96 -2.58 -1.40 14.61
C ASN A 96 -3.45 -2.56 15.04
N PHE A 97 -3.80 -3.41 14.08
CA PHE A 97 -4.67 -4.54 14.35
C PHE A 97 -4.08 -5.66 15.18
N ILE A 98 -4.91 -6.20 16.06
CA ILE A 98 -4.55 -7.33 16.91
C ILE A 98 -5.28 -8.49 16.25
N TYR A 99 -4.57 -9.56 15.91
CA TYR A 99 -5.20 -10.72 15.28
C TYR A 99 -5.17 -11.89 16.23
N ILE A 100 -6.33 -12.51 16.45
CA ILE A 100 -6.43 -13.62 17.39
C ILE A 100 -6.91 -14.94 16.84
N ASP A 101 -6.16 -16.00 17.13
CA ASP A 101 -6.52 -17.34 16.71
C ASP A 101 -6.91 -18.13 17.97
N GLU A 102 -8.02 -18.85 17.90
CA GLU A 102 -8.52 -19.62 19.04
C GLU A 102 -7.45 -20.44 19.78
N GLU A 103 -6.70 -21.23 19.03
CA GLU A 103 -5.66 -22.07 19.62
C GLU A 103 -4.36 -21.34 19.90
N ARG A 104 -3.86 -20.65 18.88
CA ARG A 104 -2.59 -19.94 18.97
C ARG A 104 -2.56 -18.65 19.77
N GLY A 105 -3.67 -17.92 19.79
CA GLY A 105 -3.70 -16.65 20.49
C GLY A 105 -3.39 -15.53 19.51
N ARG A 106 -2.65 -14.52 19.93
CA ARG A 106 -2.31 -13.40 19.06
C ARG A 106 -1.28 -13.80 17.99
N VAL A 107 -1.59 -13.49 16.73
CA VAL A 107 -0.70 -13.80 15.62
C VAL A 107 -0.27 -12.54 14.89
N ASP A 108 -0.55 -11.38 15.47
CA ASP A 108 -0.20 -10.09 14.86
C ASP A 108 1.18 -9.58 15.21
N HIS A 109 1.79 -8.87 14.28
CA HIS A 109 3.11 -8.28 14.51
C HIS A 109 4.05 -9.34 15.06
N ASP A 110 3.94 -10.55 14.52
CA ASP A 110 4.75 -11.68 14.97
C ASP A 110 6.13 -11.71 14.32
N LYS A 111 7.17 -11.81 15.15
CA LYS A 111 8.53 -11.82 14.66
C LYS A 111 8.86 -13.02 13.74
N GLU A 112 8.11 -14.10 13.88
CA GLU A 112 8.34 -15.29 13.05
C GLU A 112 7.28 -15.51 11.98
N LEU A 113 6.04 -15.13 12.24
CA LEU A 113 4.96 -15.30 11.27
C LEU A 113 4.88 -14.18 10.24
N LEU A 114 5.23 -12.96 10.66
CA LEU A 114 5.20 -11.79 9.79
C LEU A 114 4.08 -11.85 8.76
N LEU A 115 2.85 -12.02 9.25
CA LEU A 115 1.67 -12.14 8.38
C LEU A 115 1.28 -10.87 7.63
N GLU A 116 1.45 -9.71 8.28
CA GLU A 116 1.11 -8.43 7.65
C GLU A 116 1.99 -8.21 6.41
N ILE A 117 3.24 -8.62 6.47
CA ILE A 117 4.14 -8.45 5.34
C ILE A 117 3.72 -9.34 4.16
N VAL A 118 3.40 -10.60 4.41
CA VAL A 118 2.99 -11.45 3.31
C VAL A 118 1.61 -11.02 2.84
N ASP A 119 0.78 -10.55 3.75
CA ASP A 119 -0.55 -10.11 3.35
C ASP A 119 -0.33 -8.95 2.36
N ASN A 120 0.68 -8.12 2.62
CA ASN A 120 0.97 -7.02 1.73
C ASN A 120 1.34 -7.58 0.37
N GLU A 121 2.22 -8.58 0.35
CA GLU A 121 2.62 -9.20 -0.92
C GLU A 121 1.37 -9.74 -1.60
N MET A 122 0.54 -10.39 -0.80
CA MET A 122 -0.72 -10.97 -1.26
C MET A 122 -1.48 -9.88 -2.02
N SER A 123 -1.46 -8.66 -1.49
CA SER A 123 -2.16 -7.55 -2.15
C SER A 123 -1.53 -7.19 -3.50
N LYS A 124 -0.20 -7.12 -3.57
CA LYS A 124 0.47 -6.79 -4.83
C LYS A 124 0.15 -7.81 -5.91
N PHE A 125 0.20 -9.07 -5.54
CA PHE A 125 -0.11 -10.17 -6.44
C PHE A 125 -1.50 -10.00 -7.05
N ALA A 126 -2.47 -9.59 -6.24
CA ALA A 126 -3.83 -9.40 -6.72
C ALA A 126 -3.88 -8.27 -7.75
N GLU A 127 -3.08 -7.22 -7.54
CA GLU A 127 -3.06 -6.11 -8.49
C GLU A 127 -2.42 -6.55 -9.81
N LEU A 128 -1.37 -7.36 -9.72
CA LEU A 128 -0.66 -7.87 -10.89
C LEU A 128 -1.50 -8.83 -11.72
N GLU A 129 -2.37 -9.59 -11.06
CA GLU A 129 -3.22 -10.54 -11.76
C GLU A 129 -4.29 -9.84 -12.59
N PHE A 130 -4.87 -8.76 -12.07
CA PHE A 130 -5.91 -8.05 -12.80
C PHE A 130 -5.46 -6.76 -13.46
N HIS A 131 -4.18 -6.46 -13.35
CA HIS A 131 -3.61 -5.24 -13.95
C HIS A 131 -3.63 -5.25 -15.47
N GLN A 132 -4.06 -4.13 -16.05
CA GLN A 132 -4.12 -4.01 -17.50
C GLN A 132 -4.37 -5.32 -18.21
N HIS A 133 -5.54 -5.92 -17.96
CA HIS A 133 -5.93 -7.18 -18.58
C HIS A 133 -7.42 -7.16 -18.90
N LEU A 134 -8.09 -6.08 -18.51
CA LEU A 134 -9.54 -5.94 -18.69
C LEU A 134 -10.19 -6.82 -17.64
N GLY A 135 -9.43 -7.13 -16.59
CA GLY A 135 -9.94 -7.98 -15.53
C GLY A 135 -10.18 -9.37 -16.07
N VAL A 136 -9.13 -9.99 -16.62
CA VAL A 136 -9.20 -11.33 -17.22
C VAL A 136 -9.87 -12.42 -16.39
N SER A 137 -11.18 -12.58 -16.59
CA SER A 137 -11.98 -13.59 -15.90
C SER A 137 -11.76 -13.55 -14.39
N ASP A 138 -12.70 -12.93 -13.68
CA ASP A 138 -12.60 -12.85 -12.23
C ASP A 138 -12.92 -14.20 -11.62
N CYS A 139 -12.56 -14.35 -10.35
CA CYS A 139 -12.81 -15.55 -9.58
C CYS A 139 -13.16 -15.08 -8.17
N SER A 140 -13.25 -15.99 -7.22
CA SER A 140 -13.59 -15.59 -5.87
C SER A 140 -12.33 -15.18 -5.13
N PHE A 141 -12.48 -14.30 -4.14
CA PHE A 141 -11.33 -13.87 -3.35
C PHE A 141 -10.64 -15.13 -2.85
N PHE A 142 -11.45 -16.10 -2.42
CA PHE A 142 -10.93 -17.37 -1.94
C PHE A 142 -10.06 -18.04 -3.01
N GLN A 143 -10.57 -18.15 -4.23
CA GLN A 143 -9.80 -18.76 -5.31
C GLN A 143 -8.50 -17.99 -5.53
N LEU A 144 -8.60 -16.66 -5.63
CA LEU A 144 -7.43 -15.82 -5.84
C LEU A 144 -6.37 -16.10 -4.79
N VAL A 145 -6.79 -16.23 -3.54
CA VAL A 145 -5.87 -16.50 -2.44
C VAL A 145 -5.20 -17.86 -2.66
N MET A 146 -5.96 -18.84 -3.14
CA MET A 146 -5.37 -20.15 -3.37
C MET A 146 -4.30 -20.06 -4.46
N LYS A 147 -4.60 -19.35 -5.54
CA LYS A 147 -3.62 -19.20 -6.63
C LYS A 147 -2.31 -18.73 -6.02
N TYR A 148 -2.38 -17.64 -5.26
CA TYR A 148 -1.21 -17.05 -4.60
C TYR A 148 -0.45 -18.08 -3.77
N LEU A 149 -1.18 -18.77 -2.90
CA LEU A 149 -0.57 -19.77 -2.03
C LEU A 149 0.21 -20.82 -2.83
N LEU A 150 -0.39 -21.22 -3.95
CA LEU A 150 0.22 -22.22 -4.81
C LEU A 150 1.46 -21.62 -5.46
N GLN A 151 1.28 -20.54 -6.21
CA GLN A 151 2.37 -19.86 -6.89
C GLN A 151 3.53 -19.36 -6.01
N ARG A 152 3.32 -19.22 -4.71
CA ARG A 152 4.38 -18.70 -3.84
C ARG A 152 4.80 -19.61 -2.69
N ARG A 153 4.17 -20.78 -2.58
CA ARG A 153 4.48 -21.72 -1.51
C ARG A 153 5.98 -21.95 -1.30
N GLN A 154 6.77 -21.86 -2.38
CA GLN A 154 8.21 -22.06 -2.24
C GLN A 154 8.82 -21.01 -1.32
N PHE A 155 8.16 -19.86 -1.23
CA PHE A 155 8.66 -18.74 -0.43
C PHE A 155 7.82 -18.41 0.79
N LEU A 156 7.01 -19.37 1.22
CA LEU A 156 6.16 -19.19 2.39
C LEU A 156 6.40 -20.35 3.35
N THR A 157 6.36 -20.07 4.65
CA THR A 157 6.54 -21.09 5.65
C THR A 157 5.22 -21.82 5.84
N ASN A 158 5.25 -22.93 6.59
CA ASN A 158 4.02 -23.70 6.82
C ASN A 158 2.98 -22.90 7.59
N ASP A 159 3.40 -22.18 8.63
CA ASP A 159 2.45 -21.39 9.38
C ASP A 159 1.91 -20.19 8.61
N GLN A 160 2.68 -19.68 7.66
CA GLN A 160 2.20 -18.55 6.87
C GLN A 160 1.12 -19.05 5.93
N ILE A 161 1.27 -20.28 5.44
CA ILE A 161 0.28 -20.87 4.54
C ILE A 161 -1.01 -21.16 5.31
N ARG A 162 -0.87 -21.44 6.60
CA ARG A 162 -2.04 -21.75 7.41
C ARG A 162 -2.80 -20.51 7.85
N TYR A 163 -2.12 -19.57 8.50
CA TYR A 163 -2.78 -18.38 8.99
C TYR A 163 -2.99 -17.19 8.05
N LEU A 164 -2.13 -17.00 7.04
CA LEU A 164 -2.29 -15.85 6.13
C LEU A 164 -3.68 -15.82 5.49
N PRO A 165 -4.13 -16.95 4.91
CA PRO A 165 -5.45 -16.92 4.29
C PRO A 165 -6.54 -16.50 5.27
N GLN A 166 -6.44 -16.92 6.53
CA GLN A 166 -7.44 -16.55 7.51
C GLN A 166 -7.37 -15.06 7.86
N LEU A 167 -6.16 -14.54 8.04
CA LEU A 167 -6.00 -13.14 8.37
C LEU A 167 -6.49 -12.22 7.25
N CYS A 168 -6.10 -12.53 6.02
CA CYS A 168 -6.48 -11.68 4.91
C CYS A 168 -7.98 -11.59 4.69
N ARG A 169 -8.74 -12.46 5.35
CA ARG A 169 -10.18 -12.41 5.18
C ARG A 169 -10.83 -11.25 5.94
N TYR A 170 -10.04 -10.47 6.66
CA TYR A 170 -10.59 -9.31 7.36
C TYR A 170 -11.30 -8.48 6.28
N LEU A 171 -10.89 -8.66 5.03
CA LEU A 171 -11.48 -7.96 3.90
C LEU A 171 -12.95 -8.31 3.73
N GLU A 172 -13.38 -9.40 4.38
CA GLU A 172 -14.77 -9.82 4.32
C GLU A 172 -15.61 -8.78 5.05
N LEU A 173 -15.06 -8.20 6.10
CA LEU A 173 -15.79 -7.20 6.85
C LEU A 173 -15.85 -5.85 6.13
N TRP A 174 -15.13 -5.71 5.02
CA TRP A 174 -15.20 -4.44 4.32
C TRP A 174 -16.27 -4.52 3.25
N HIS A 175 -16.58 -5.75 2.83
CA HIS A 175 -17.59 -5.99 1.81
C HIS A 175 -18.88 -6.57 2.41
N GLY A 176 -18.76 -7.27 3.54
CA GLY A 176 -19.91 -7.89 4.16
C GLY A 176 -20.29 -9.14 3.39
N LEU A 177 -19.27 -9.77 2.83
CA LEU A 177 -19.42 -10.97 2.01
C LEU A 177 -18.29 -11.97 2.29
N ASP A 178 -18.65 -13.24 2.44
CA ASP A 178 -17.66 -14.30 2.69
C ASP A 178 -16.72 -14.38 1.47
N TRP A 179 -15.49 -14.85 1.68
CA TRP A 179 -14.54 -14.89 0.57
C TRP A 179 -14.83 -15.81 -0.62
N LYS A 180 -15.84 -16.67 -0.50
CA LYS A 180 -16.18 -17.55 -1.62
C LYS A 180 -17.32 -16.93 -2.42
N LEU A 181 -17.93 -15.89 -1.88
CA LEU A 181 -19.02 -15.20 -2.57
C LEU A 181 -18.54 -13.86 -3.16
N LEU A 182 -17.38 -13.40 -2.68
CA LEU A 182 -16.81 -12.11 -3.08
C LEU A 182 -15.95 -12.10 -4.33
N SER A 183 -16.21 -11.10 -5.19
CA SER A 183 -15.47 -10.89 -6.43
C SER A 183 -14.01 -10.55 -6.13
N ALA A 184 -13.09 -11.31 -6.72
CA ALA A 184 -11.66 -11.09 -6.53
C ALA A 184 -11.27 -9.72 -7.08
N LYS A 185 -11.76 -9.41 -8.26
CA LYS A 185 -11.44 -8.15 -8.92
C LYS A 185 -11.84 -6.90 -8.15
N ASP A 186 -12.81 -7.01 -7.24
CA ASP A 186 -13.24 -5.84 -6.48
C ASP A 186 -12.78 -5.92 -5.02
N THR A 187 -12.17 -7.03 -4.65
CA THR A 187 -11.72 -7.23 -3.27
C THR A 187 -10.81 -6.15 -2.72
N TYR A 188 -9.84 -5.70 -3.51
CA TYR A 188 -8.94 -4.68 -3.00
C TYR A 188 -9.34 -3.25 -3.39
N PHE A 189 -9.46 -2.38 -2.39
CA PHE A 189 -9.87 -1.01 -2.62
C PHE A 189 -8.77 0.01 -2.40
N GLY A 190 -9.10 1.28 -2.63
CA GLY A 190 -8.13 2.36 -2.50
C GLY A 190 -7.77 2.78 -1.07
N HIS A 191 -8.75 3.18 -0.27
CA HIS A 191 -8.47 3.61 1.08
C HIS A 191 -7.65 4.91 0.96
N GLN A 192 -8.29 5.96 0.45
CA GLN A 192 -7.63 7.26 0.26
C GLN A 192 -7.40 8.07 1.54
N GLY A 193 -6.62 7.50 2.46
CA GLY A 193 -6.32 8.15 3.72
C GLY A 193 -6.96 7.42 4.90
N ARG A 194 -6.71 7.90 6.11
CA ARG A 194 -7.28 7.27 7.29
C ARG A 194 -8.80 7.40 7.35
N ASN A 195 -9.38 6.69 8.32
CA ASN A 195 -10.81 6.72 8.54
C ASN A 195 -11.05 7.53 9.80
N ALA A 196 -12.19 8.18 9.88
CA ALA A 196 -12.54 8.96 11.05
C ALA A 196 -13.88 8.41 11.54
N PHE A 197 -13.92 7.96 12.78
CA PHE A 197 -15.11 7.40 13.38
C PHE A 197 -16.05 8.55 13.70
N ALA A 198 -17.24 8.58 13.10
CA ALA A 198 -18.16 9.66 13.40
C ALA A 198 -18.64 9.53 14.85
N LEU A 199 -18.57 10.63 15.59
CA LEU A 199 -19.03 10.61 16.97
C LEU A 199 -20.42 11.17 16.91
N ASN A 200 -21.23 10.46 16.13
CA ASN A 200 -22.61 10.81 15.94
C ASN A 200 -22.89 11.09 14.50
N TYR A 201 -23.13 10.05 13.71
CA TYR A 201 -23.49 10.28 12.31
C TYR A 201 -24.86 10.94 12.39
N ASP A 202 -25.57 10.68 13.50
CA ASP A 202 -26.89 11.28 13.67
C ASP A 202 -26.75 12.80 13.63
N SER A 203 -25.58 13.31 13.97
CA SER A 203 -25.31 14.74 13.94
C SER A 203 -25.27 15.21 12.51
N VAL A 204 -24.76 14.37 11.63
CA VAL A 204 -24.68 14.71 10.22
C VAL A 204 -26.08 14.66 9.65
N VAL A 205 -26.81 13.61 9.98
CA VAL A 205 -28.18 13.47 9.49
C VAL A 205 -29.06 14.61 9.98
N GLN A 206 -29.00 14.90 11.28
CA GLN A 206 -29.79 15.96 11.86
C GLN A 206 -29.52 17.30 11.17
N ARG A 207 -28.23 17.65 11.02
CA ARG A 207 -27.84 18.90 10.39
C ARG A 207 -28.47 19.10 9.01
N ILE A 208 -28.36 18.09 8.15
CA ILE A 208 -28.91 18.17 6.80
C ILE A 208 -30.44 18.19 6.83
N ALA A 209 -31.03 17.43 7.72
CA ALA A 209 -32.48 17.39 7.81
C ALA A 209 -33.01 18.76 8.23
N GLN A 210 -32.20 19.49 8.98
CA GLN A 210 -32.58 20.81 9.45
C GLN A 210 -32.14 21.93 8.51
N SER A 211 -31.75 21.59 7.28
CA SER A 211 -31.31 22.62 6.34
C SER A 211 -32.35 22.94 5.26
N PHE A 212 -33.57 22.46 5.45
CA PHE A 212 -34.65 22.72 4.51
C PHE A 212 -36.01 22.70 5.22
N PRO A 213 -37.08 23.12 4.53
CA PRO A 213 -38.42 23.14 5.11
C PRO A 213 -38.84 21.85 5.84
N GLN A 214 -38.99 21.94 7.16
CA GLN A 214 -39.38 20.80 7.99
C GLN A 214 -40.73 20.21 7.57
N ASN A 215 -41.48 20.95 6.75
CA ASN A 215 -42.78 20.47 6.29
C ASN A 215 -42.69 19.70 4.97
N TRP A 216 -41.48 19.59 4.44
CA TRP A 216 -41.25 18.86 3.20
C TRP A 216 -41.33 17.35 3.46
N LEU A 217 -40.82 16.95 4.61
CA LEU A 217 -40.77 15.55 5.00
C LEU A 217 -42.11 14.89 5.31
N LYS A 218 -42.25 13.66 4.82
CA LYS A 218 -43.43 12.87 5.06
C LYS A 218 -42.94 11.48 5.43
N LEU A 219 -43.03 11.17 6.72
CA LEU A 219 -42.59 9.89 7.23
C LEU A 219 -43.66 8.83 7.05
N SER A 220 -43.26 7.57 7.18
CA SER A 220 -44.17 6.45 7.04
C SER A 220 -44.93 6.47 5.70
N CYS A 221 -44.32 7.06 4.68
CA CYS A 221 -44.94 7.11 3.35
C CYS A 221 -44.23 6.12 2.44
N GLU A 222 -44.81 4.94 2.26
CA GLU A 222 -44.20 3.94 1.38
C GLU A 222 -44.66 4.23 -0.05
N VAL A 223 -43.73 4.55 -0.94
CA VAL A 223 -44.09 4.83 -2.33
C VAL A 223 -44.19 3.51 -3.07
N LYS A 224 -45.27 3.30 -3.81
CA LYS A 224 -45.45 2.03 -4.52
C LYS A 224 -45.54 2.07 -6.04
N SER A 225 -45.65 3.27 -6.60
CA SER A 225 -45.71 3.37 -8.06
C SER A 225 -45.31 4.75 -8.58
N ILE A 226 -44.44 4.75 -9.59
CA ILE A 226 -43.98 5.97 -10.21
C ILE A 226 -44.38 5.91 -11.69
N THR A 227 -45.32 6.79 -12.05
CA THR A 227 -45.84 6.85 -13.41
C THR A 227 -45.38 8.13 -14.12
N ARG A 228 -44.71 7.95 -15.26
CA ARG A 228 -44.25 9.07 -16.03
C ARG A 228 -45.01 9.15 -17.33
N GLU A 229 -46.09 9.93 -17.34
CA GLU A 229 -46.91 10.07 -18.54
C GLU A 229 -46.14 10.85 -19.60
N PRO A 230 -46.22 10.43 -20.88
CA PRO A 230 -45.50 11.13 -21.94
C PRO A 230 -45.77 12.64 -22.01
N SER A 231 -46.53 13.14 -21.05
CA SER A 231 -46.85 14.57 -20.98
C SER A 231 -45.64 15.36 -20.50
N LYS A 232 -45.72 15.91 -19.28
CA LYS A 232 -44.62 16.69 -18.73
C LYS A 232 -44.50 16.65 -17.22
N ASN A 233 -45.25 15.76 -16.58
CA ASN A 233 -45.22 15.64 -15.12
C ASN A 233 -45.21 14.17 -14.71
N VAL A 234 -44.72 13.90 -13.49
CA VAL A 234 -44.65 12.53 -12.99
C VAL A 234 -45.63 12.32 -11.84
N THR A 235 -46.20 11.12 -11.77
CA THR A 235 -47.16 10.78 -10.73
C THR A 235 -46.65 9.71 -9.77
N VAL A 236 -46.70 10.02 -8.48
CA VAL A 236 -46.24 9.13 -7.42
C VAL A 236 -47.39 8.95 -6.42
N ASN A 237 -47.57 7.73 -5.91
CA ASN A 237 -48.64 7.46 -4.95
C ASN A 237 -48.14 6.66 -3.76
N CYS A 238 -48.17 7.24 -2.55
CA CYS A 238 -47.74 6.49 -1.37
C CYS A 238 -48.75 5.37 -1.18
N GLU A 239 -48.37 4.35 -0.42
CA GLU A 239 -49.23 3.20 -0.14
C GLU A 239 -50.55 3.60 0.51
N ASP A 240 -50.51 4.59 1.38
CA ASP A 240 -51.70 5.06 2.08
C ASP A 240 -52.78 5.57 1.13
N GLY A 241 -52.40 5.83 -0.12
CA GLY A 241 -53.37 6.31 -1.09
C GLY A 241 -53.10 7.70 -1.62
N THR A 242 -52.47 8.56 -0.81
CA THR A 242 -52.18 9.93 -1.23
C THR A 242 -51.32 9.92 -2.50
N VAL A 243 -51.78 10.63 -3.52
CA VAL A 243 -51.06 10.67 -4.78
C VAL A 243 -50.54 12.06 -5.10
N TYR A 244 -49.22 12.17 -5.23
CA TYR A 244 -48.59 13.45 -5.57
C TYR A 244 -48.06 13.34 -6.99
N ASN A 245 -48.01 14.47 -7.68
CA ASN A 245 -47.49 14.49 -9.04
C ASN A 245 -46.56 15.71 -9.12
N ALA A 246 -45.36 15.50 -9.68
CA ALA A 246 -44.39 16.58 -9.77
C ALA A 246 -43.56 16.62 -11.05
N ASP A 247 -42.83 17.71 -11.20
CA ASP A 247 -41.96 17.93 -12.37
C ASP A 247 -40.86 16.89 -12.44
N TYR A 248 -40.04 16.84 -11.39
CA TYR A 248 -38.91 15.90 -11.31
C TYR A 248 -38.97 14.99 -10.09
N VAL A 249 -38.38 13.80 -10.22
CA VAL A 249 -38.36 12.83 -9.14
C VAL A 249 -37.00 12.17 -8.91
N ILE A 250 -36.45 12.35 -7.70
CA ILE A 250 -35.15 11.75 -7.36
C ILE A 250 -35.34 10.53 -6.46
N ILE A 251 -35.24 9.35 -7.06
CA ILE A 251 -35.41 8.07 -6.38
C ILE A 251 -34.12 7.62 -5.68
N THR A 252 -34.15 7.50 -4.35
CA THR A 252 -32.93 7.10 -3.64
C THR A 252 -33.03 5.79 -2.87
N VAL A 253 -34.09 5.01 -3.09
CA VAL A 253 -34.22 3.74 -2.39
C VAL A 253 -32.99 2.90 -2.72
N PRO A 254 -32.63 1.96 -1.84
CA PRO A 254 -31.46 1.12 -2.08
C PRO A 254 -31.58 0.16 -3.24
N GLN A 255 -30.45 -0.08 -3.89
CA GLN A 255 -30.34 -0.96 -5.03
C GLN A 255 -31.18 -2.23 -4.83
N SER A 256 -31.01 -2.87 -3.68
CA SER A 256 -31.75 -4.10 -3.36
C SER A 256 -33.27 -3.89 -3.47
N VAL A 257 -33.76 -2.76 -2.98
CA VAL A 257 -35.18 -2.47 -3.03
C VAL A 257 -35.57 -2.19 -4.47
N LEU A 258 -34.79 -1.32 -5.13
CA LEU A 258 -35.05 -0.95 -6.52
C LEU A 258 -35.07 -2.19 -7.42
N ASN A 259 -34.25 -3.19 -7.07
CA ASN A 259 -34.18 -4.41 -7.84
C ASN A 259 -35.47 -5.23 -7.76
N LEU A 260 -36.48 -4.71 -7.08
CA LEU A 260 -37.75 -5.42 -6.98
C LEU A 260 -38.66 -4.97 -8.11
N SER A 261 -38.36 -3.81 -8.67
CA SER A 261 -39.14 -3.26 -9.77
C SER A 261 -39.02 -4.17 -10.99
N VAL A 262 -37.98 -4.99 -11.03
CA VAL A 262 -37.76 -5.89 -12.16
C VAL A 262 -38.13 -7.33 -11.83
N GLN A 263 -39.00 -7.50 -10.84
CA GLN A 263 -39.43 -8.83 -10.46
C GLN A 263 -40.94 -8.93 -10.50
N PRO A 264 -41.46 -10.13 -10.26
CA PRO A 264 -42.90 -10.31 -10.29
C PRO A 264 -43.53 -10.25 -8.91
N GLU A 265 -44.71 -9.66 -8.84
CA GLU A 265 -45.40 -9.55 -7.56
C GLU A 265 -45.14 -8.20 -6.92
N LYS A 266 -45.96 -7.21 -7.27
CA LYS A 266 -45.80 -5.87 -6.72
C LYS A 266 -46.35 -5.78 -5.31
N ASN A 267 -46.37 -6.90 -4.62
CA ASN A 267 -46.89 -6.97 -3.26
C ASN A 267 -45.75 -7.00 -2.26
N LEU A 268 -44.52 -6.93 -2.77
CA LEU A 268 -43.35 -6.93 -1.89
C LEU A 268 -43.19 -5.56 -1.26
N ARG A 269 -42.95 -5.55 0.06
CA ARG A 269 -42.78 -4.32 0.81
C ARG A 269 -41.60 -3.50 0.26
N GLY A 270 -41.86 -2.23 -0.04
CA GLY A 270 -40.81 -1.37 -0.56
C GLY A 270 -40.77 -1.26 -2.08
N ARG A 271 -41.07 -2.36 -2.76
CA ARG A 271 -41.06 -2.41 -4.23
C ARG A 271 -41.87 -1.29 -4.90
N ILE A 272 -41.26 -0.62 -5.88
CA ILE A 272 -41.92 0.47 -6.59
C ILE A 272 -42.28 0.06 -8.01
N GLU A 273 -43.51 0.36 -8.41
CA GLU A 273 -43.98 0.04 -9.76
C GLU A 273 -43.78 1.21 -10.71
N PHE A 274 -42.89 1.02 -11.68
CA PHE A 274 -42.59 2.06 -12.67
C PHE A 274 -43.48 1.98 -13.89
N GLN A 275 -43.97 3.13 -14.32
CA GLN A 275 -44.83 3.21 -15.50
C GLN A 275 -44.40 4.38 -16.39
N PRO A 276 -43.77 4.10 -17.54
CA PRO A 276 -43.41 2.79 -18.11
C PRO A 276 -42.29 2.07 -17.36
N PRO A 277 -42.05 0.79 -17.67
CA PRO A 277 -41.01 -0.03 -17.03
C PRO A 277 -39.60 0.52 -17.21
N LEU A 278 -38.68 0.07 -16.35
CA LEU A 278 -37.28 0.51 -16.41
C LEU A 278 -36.60 -0.02 -17.66
N LYS A 279 -36.05 0.89 -18.47
CA LYS A 279 -35.38 0.48 -19.70
C LYS A 279 -34.33 -0.61 -19.46
N PRO A 280 -34.08 -1.45 -20.47
CA PRO A 280 -33.11 -2.54 -20.34
C PRO A 280 -31.80 -2.16 -19.69
N VAL A 281 -31.14 -1.12 -20.20
CA VAL A 281 -29.87 -0.67 -19.64
C VAL A 281 -29.85 -0.75 -18.11
N ILE A 282 -30.90 -0.23 -17.47
CA ILE A 282 -31.03 -0.26 -16.03
C ILE A 282 -31.27 -1.68 -15.55
N GLN A 283 -32.30 -2.32 -16.12
CA GLN A 283 -32.66 -3.70 -15.75
C GLN A 283 -31.54 -4.69 -15.96
N ASP A 284 -30.65 -4.39 -16.89
CA ASP A 284 -29.52 -5.26 -17.17
C ASP A 284 -28.43 -4.99 -16.15
N ALA A 285 -28.44 -3.79 -15.57
CA ALA A 285 -27.46 -3.43 -14.57
C ALA A 285 -27.55 -4.35 -13.36
N PHE A 286 -28.76 -4.75 -13.00
CA PHE A 286 -28.97 -5.63 -11.85
C PHE A 286 -28.43 -7.03 -12.06
N ASP A 287 -27.96 -7.32 -13.27
CA ASP A 287 -27.41 -8.62 -13.56
C ASP A 287 -25.95 -8.67 -13.11
N LYS A 288 -25.40 -7.49 -12.78
CA LYS A 288 -24.02 -7.41 -12.28
C LYS A 288 -24.11 -7.42 -10.75
N ILE A 289 -24.64 -8.52 -10.21
CA ILE A 289 -24.81 -8.72 -8.77
C ILE A 289 -24.96 -7.45 -7.94
N HIS A 290 -24.53 -7.53 -6.69
CA HIS A 290 -24.61 -6.36 -5.83
C HIS A 290 -25.16 -6.69 -4.46
N PHE A 291 -25.21 -5.68 -3.60
CA PHE A 291 -25.75 -5.83 -2.24
C PHE A 291 -25.10 -6.89 -1.35
N GLY A 292 -24.34 -6.41 -0.36
CA GLY A 292 -23.68 -7.29 0.59
C GLY A 292 -24.49 -7.27 1.89
N ALA A 293 -24.02 -7.95 2.91
CA ALA A 293 -24.78 -7.97 4.16
C ALA A 293 -23.93 -7.74 5.40
N LEU A 294 -23.28 -6.60 5.48
CA LEU A 294 -22.48 -6.29 6.67
C LEU A 294 -23.47 -6.14 7.83
N GLY A 295 -23.17 -6.74 8.97
CA GLY A 295 -24.05 -6.64 10.10
C GLY A 295 -23.30 -6.21 11.34
N LYS A 296 -24.02 -5.84 12.40
CA LYS A 296 -23.38 -5.40 13.63
C LYS A 296 -24.01 -5.87 14.94
N VAL A 297 -23.13 -6.13 15.90
CA VAL A 297 -23.52 -6.56 17.23
C VAL A 297 -22.74 -5.68 18.22
N ILE A 298 -23.46 -5.06 19.17
CA ILE A 298 -22.83 -4.22 20.17
C ILE A 298 -22.85 -4.97 21.50
N PHE A 299 -21.70 -5.12 22.13
CA PHE A 299 -21.62 -5.77 23.45
C PHE A 299 -21.29 -4.69 24.48
N GLU A 300 -22.29 -4.34 25.31
CA GLU A 300 -22.13 -3.31 26.33
C GLU A 300 -21.73 -3.85 27.71
N PHE A 301 -20.52 -3.55 28.16
CA PHE A 301 -20.05 -4.02 29.46
C PHE A 301 -20.26 -2.98 30.56
N GLU A 302 -20.26 -3.42 31.82
CA GLU A 302 -20.45 -2.50 32.93
C GLU A 302 -19.34 -1.45 32.91
N GLU A 303 -18.10 -1.91 32.86
CA GLU A 303 -16.96 -1.00 32.82
C GLU A 303 -15.78 -1.66 32.12
N CYS A 304 -14.78 -0.87 31.74
CA CYS A 304 -13.63 -1.42 31.07
C CYS A 304 -12.72 -2.09 32.08
N CYS A 305 -12.40 -3.36 31.83
CA CYS A 305 -11.52 -4.07 32.75
C CYS A 305 -10.53 -4.90 31.93
N TRP A 306 -10.28 -4.45 30.71
CA TRP A 306 -9.35 -5.11 29.80
C TRP A 306 -8.36 -4.07 29.29
N SER A 307 -7.22 -4.52 28.78
CA SER A 307 -6.21 -3.62 28.26
C SER A 307 -6.64 -2.94 26.97
N ASN A 308 -6.40 -1.64 26.89
CA ASN A 308 -6.74 -0.88 25.69
C ASN A 308 -5.49 -0.76 24.82
N GLU A 309 -4.91 -1.90 24.45
CA GLU A 309 -3.70 -1.89 23.63
C GLU A 309 -3.99 -1.38 22.23
N SER A 310 -5.18 -1.69 21.72
CA SER A 310 -5.60 -1.27 20.40
C SER A 310 -7.11 -1.19 20.38
N SER A 311 -7.65 -0.52 19.36
CA SER A 311 -9.10 -0.41 19.24
C SER A 311 -9.62 -1.30 18.12
N LYS A 312 -8.72 -1.97 17.42
CA LYS A 312 -9.10 -2.86 16.32
C LYS A 312 -8.63 -4.28 16.58
N ILE A 313 -9.60 -5.18 16.75
CA ILE A 313 -9.30 -6.58 17.03
C ILE A 313 -10.03 -7.48 16.03
N VAL A 314 -9.31 -8.43 15.46
CA VAL A 314 -9.91 -9.37 14.51
C VAL A 314 -9.62 -10.79 14.96
N THR A 315 -10.67 -11.57 15.17
CA THR A 315 -10.52 -12.98 15.55
C THR A 315 -10.53 -13.76 14.25
N LEU A 316 -9.54 -14.62 14.06
CA LEU A 316 -9.46 -15.41 12.83
C LEU A 316 -10.24 -16.71 12.92
N ALA A 317 -10.83 -17.12 11.80
CA ALA A 317 -11.57 -18.36 11.71
C ALA A 317 -10.57 -19.49 11.93
N ASN A 318 -11.01 -20.64 12.43
CA ASN A 318 -10.09 -21.76 12.65
C ASN A 318 -9.48 -22.22 11.34
N SER A 319 -8.24 -22.69 11.41
CA SER A 319 -7.50 -23.18 10.25
C SER A 319 -6.97 -24.59 10.58
N THR A 320 -6.45 -25.30 9.59
CA THR A 320 -5.90 -26.65 9.83
C THR A 320 -4.55 -26.90 9.17
N ASN A 321 -3.69 -27.69 9.81
CA ASN A 321 -2.39 -28.03 9.25
C ASN A 321 -2.64 -28.92 8.03
N GLU A 322 -3.79 -29.57 8.03
CA GLU A 322 -4.19 -30.45 6.93
C GLU A 322 -4.27 -29.61 5.66
N PHE A 323 -4.68 -28.35 5.83
CA PHE A 323 -4.78 -27.44 4.69
C PHE A 323 -3.40 -27.21 4.11
N VAL A 324 -2.42 -27.01 4.99
CA VAL A 324 -1.06 -26.79 4.58
C VAL A 324 -0.58 -27.94 3.71
N GLU A 325 -0.64 -29.14 4.28
CA GLU A 325 -0.23 -30.36 3.61
C GLU A 325 -0.77 -30.43 2.20
N ILE A 326 -1.99 -29.95 2.00
CA ILE A 326 -2.61 -29.97 0.67
C ILE A 326 -2.01 -28.96 -0.30
N VAL A 327 -1.61 -27.79 0.19
CA VAL A 327 -1.03 -26.78 -0.69
C VAL A 327 0.31 -27.30 -1.20
N ARG A 328 1.05 -27.95 -0.30
CA ARG A 328 2.35 -28.52 -0.65
C ARG A 328 2.22 -29.58 -1.75
N ASN A 329 1.22 -30.45 -1.63
CA ASN A 329 1.00 -31.54 -2.57
C ASN A 329 0.44 -31.19 -3.95
N ALA A 330 -0.65 -30.43 -4.00
CA ALA A 330 -1.26 -30.07 -5.28
C ALA A 330 -0.24 -29.78 -6.38
N GLU A 331 -0.55 -30.22 -7.60
CA GLU A 331 0.33 -30.03 -8.75
C GLU A 331 -0.19 -28.93 -9.68
N ASN A 332 -1.39 -28.43 -9.41
CA ASN A 332 -1.97 -27.38 -10.24
C ASN A 332 -3.19 -26.80 -9.54
N LEU A 333 -3.84 -25.84 -10.19
CA LEU A 333 -5.03 -25.21 -9.64
C LEU A 333 -6.19 -26.19 -9.54
N ASP A 334 -6.30 -27.09 -10.52
CA ASP A 334 -7.37 -28.09 -10.53
C ASP A 334 -7.22 -29.16 -9.47
N GLU A 335 -6.00 -29.62 -9.22
CA GLU A 335 -5.77 -30.64 -8.21
C GLU A 335 -6.00 -30.08 -6.82
N LEU A 336 -5.57 -28.84 -6.59
CA LEU A 336 -5.75 -28.21 -5.29
C LEU A 336 -7.25 -28.00 -5.13
N ASP A 337 -7.87 -27.47 -6.18
CA ASP A 337 -9.29 -27.23 -6.16
C ASP A 337 -10.06 -28.46 -5.71
N SER A 338 -9.71 -29.62 -6.27
CA SER A 338 -10.38 -30.88 -5.92
C SER A 338 -9.80 -31.54 -4.68
N MET A 339 -8.50 -31.38 -4.47
CA MET A 339 -7.84 -31.95 -3.31
C MET A 339 -8.41 -31.27 -2.06
N LEU A 340 -9.19 -30.21 -2.28
CA LEU A 340 -9.82 -29.48 -1.19
C LEU A 340 -11.24 -30.02 -1.02
N GLU A 341 -11.30 -31.27 -0.57
CA GLU A 341 -12.58 -31.93 -0.35
C GLU A 341 -12.60 -32.52 1.04
N ARG A 342 -13.23 -31.81 1.96
CA ARG A 342 -13.34 -32.25 3.34
C ARG A 342 -14.82 -32.36 3.71
N GLU A 343 -15.30 -33.60 3.86
CA GLU A 343 -16.69 -33.82 4.21
C GLU A 343 -16.85 -34.24 5.65
N THR A 349 -19.82 -29.95 9.64
CA THR A 349 -20.61 -28.73 9.50
C THR A 349 -20.63 -27.93 10.81
N SER A 350 -21.77 -27.29 11.09
CA SER A 350 -21.97 -26.49 12.29
C SER A 350 -21.24 -25.15 12.25
N VAL A 351 -22.01 -24.07 12.29
CA VAL A 351 -21.46 -22.72 12.27
C VAL A 351 -21.31 -22.20 13.71
N THR A 352 -20.09 -21.81 14.07
CA THR A 352 -19.83 -21.28 15.41
C THR A 352 -19.12 -19.94 15.27
N CYS A 353 -18.85 -19.28 16.39
CA CYS A 353 -18.18 -18.00 16.33
C CYS A 353 -16.81 -18.12 15.66
N TRP A 354 -16.28 -19.32 15.57
CA TRP A 354 -14.98 -19.53 14.95
C TRP A 354 -15.04 -19.98 13.48
N SER A 355 -16.22 -19.98 12.87
CA SER A 355 -16.32 -20.43 11.48
C SER A 355 -16.01 -19.33 10.46
N GLN A 356 -15.85 -18.10 10.93
CA GLN A 356 -15.56 -16.98 10.04
C GLN A 356 -14.80 -15.91 10.81
N PRO A 357 -14.19 -14.95 10.09
CA PRO A 357 -13.46 -13.92 10.83
C PRO A 357 -14.46 -12.93 11.41
N LEU A 358 -14.14 -12.40 12.59
CA LEU A 358 -15.00 -11.42 13.22
C LEU A 358 -14.15 -10.17 13.51
N PHE A 359 -14.73 -9.00 13.26
CA PHE A 359 -14.03 -7.73 13.48
C PHE A 359 -14.60 -6.97 14.68
N PHE A 360 -13.78 -6.80 15.71
CA PHE A 360 -14.18 -6.09 16.92
C PHE A 360 -13.51 -4.72 17.11
N VAL A 361 -14.32 -3.68 17.21
CA VAL A 361 -13.79 -2.36 17.48
C VAL A 361 -13.88 -2.19 19.00
N ASN A 362 -12.74 -2.02 19.66
CA ASN A 362 -12.76 -1.81 21.11
C ASN A 362 -12.98 -0.32 21.38
N LEU A 363 -14.24 0.08 21.51
CA LEU A 363 -14.59 1.47 21.75
C LEU A 363 -14.00 2.14 23.00
N SER A 364 -13.47 1.35 23.93
CA SER A 364 -12.92 1.93 25.14
C SER A 364 -11.70 2.82 24.86
N LYS A 365 -10.81 2.36 23.97
CA LYS A 365 -9.61 3.10 23.64
C LYS A 365 -9.86 4.34 22.77
N SER A 366 -10.80 4.24 21.84
CA SER A 366 -11.10 5.34 20.94
C SER A 366 -12.14 6.34 21.44
N THR A 367 -13.15 5.86 22.16
CA THR A 367 -14.20 6.76 22.64
C THR A 367 -14.45 6.71 24.14
N GLY A 368 -13.61 5.98 24.87
CA GLY A 368 -13.79 5.90 26.32
C GLY A 368 -15.05 5.18 26.77
N VAL A 369 -15.65 4.37 25.90
CA VAL A 369 -16.87 3.64 26.27
C VAL A 369 -16.63 2.14 26.44
N ALA A 370 -17.12 1.60 27.55
CA ALA A 370 -16.97 0.19 27.88
C ALA A 370 -17.78 -0.76 26.98
N SER A 371 -17.58 -0.64 25.67
CA SER A 371 -18.30 -1.49 24.73
C SER A 371 -17.45 -1.96 23.55
N PHE A 372 -17.98 -2.95 22.84
CA PHE A 372 -17.33 -3.53 21.66
C PHE A 372 -18.34 -3.44 20.54
N MET A 373 -17.91 -2.94 19.40
CA MET A 373 -18.79 -2.90 18.25
C MET A 373 -18.22 -3.98 17.33
N MET A 374 -18.97 -5.07 17.14
CA MET A 374 -18.53 -6.18 16.29
C MET A 374 -19.21 -6.19 14.91
N LEU A 375 -18.40 -6.39 13.87
CA LEU A 375 -18.91 -6.43 12.49
C LEU A 375 -18.90 -7.87 11.98
N MET A 376 -19.96 -8.26 11.28
CA MET A 376 -20.09 -9.62 10.75
C MET A 376 -20.45 -9.60 9.26
N GLN A 377 -20.34 -10.74 8.60
CA GLN A 377 -20.62 -10.82 7.16
C GLN A 377 -21.55 -11.94 6.72
N ALA A 378 -22.07 -11.84 5.50
CA ALA A 378 -22.94 -12.88 4.95
C ALA A 378 -22.06 -14.14 4.83
N PRO A 379 -22.63 -15.32 5.08
CA PRO A 379 -24.01 -15.67 5.46
C PRO A 379 -24.31 -15.61 6.96
N LEU A 380 -23.30 -15.35 7.78
CA LEU A 380 -23.51 -15.29 9.23
C LEU A 380 -24.51 -14.20 9.64
N THR A 381 -24.37 -13.01 9.06
CA THR A 381 -25.22 -11.86 9.39
C THR A 381 -26.71 -12.15 9.53
N ASN A 382 -27.28 -12.67 8.46
CA ASN A 382 -28.70 -12.98 8.40
C ASN A 382 -29.12 -13.95 9.52
N HIS A 383 -28.25 -14.91 9.84
CA HIS A 383 -28.53 -15.86 10.91
C HIS A 383 -28.53 -15.19 12.29
N ILE A 384 -27.60 -14.28 12.52
CA ILE A 384 -27.52 -13.60 13.81
C ILE A 384 -28.62 -12.54 13.98
N GLU A 385 -28.99 -11.85 12.91
CA GLU A 385 -30.06 -10.86 13.00
C GLU A 385 -31.39 -11.59 13.20
N SER A 386 -31.44 -12.84 12.73
CA SER A 386 -32.65 -13.66 12.86
C SER A 386 -32.97 -13.89 14.34
N ILE A 387 -31.94 -14.08 15.16
CA ILE A 387 -32.13 -14.32 16.58
C ILE A 387 -31.71 -13.10 17.40
N ARG A 388 -31.84 -11.92 16.82
CA ARG A 388 -31.44 -10.70 17.51
C ARG A 388 -32.09 -10.50 18.86
N GLU A 389 -33.33 -10.96 19.02
CA GLU A 389 -34.06 -10.82 20.27
C GLU A 389 -33.70 -11.89 21.31
N ASP A 390 -32.98 -12.92 20.91
CA ASP A 390 -32.64 -13.99 21.86
C ASP A 390 -31.29 -13.71 22.50
N LYS A 391 -31.29 -12.80 23.46
CA LYS A 391 -30.06 -12.40 24.13
C LYS A 391 -29.25 -13.55 24.69
N GLU A 392 -29.91 -14.50 25.34
CA GLU A 392 -29.23 -15.67 25.91
C GLU A 392 -28.48 -16.47 24.86
N ARG A 393 -29.12 -16.70 23.73
CA ARG A 393 -28.50 -17.46 22.65
C ARG A 393 -27.36 -16.67 22.01
N LEU A 394 -27.57 -15.36 21.85
CA LEU A 394 -26.55 -14.49 21.29
C LEU A 394 -25.31 -14.58 22.17
N PHE A 395 -25.51 -14.55 23.48
CA PHE A 395 -24.39 -14.63 24.40
C PHE A 395 -23.63 -15.95 24.26
N SER A 396 -24.35 -17.07 24.24
CA SER A 396 -23.71 -18.37 24.10
C SER A 396 -22.90 -18.48 22.82
N PHE A 397 -23.45 -17.95 21.73
CA PHE A 397 -22.76 -18.02 20.45
C PHE A 397 -21.42 -17.31 20.39
N PHE A 398 -21.35 -16.08 20.90
CA PHE A 398 -20.10 -15.30 20.89
C PHE A 398 -19.23 -15.44 22.13
N GLN A 399 -19.75 -16.07 23.18
CA GLN A 399 -18.99 -16.20 24.42
C GLN A 399 -17.56 -16.68 24.25
N PRO A 400 -17.33 -17.71 23.44
CA PRO A 400 -15.94 -18.15 23.30
C PRO A 400 -14.97 -17.13 22.68
N VAL A 401 -15.37 -16.39 21.64
CA VAL A 401 -14.46 -15.39 21.08
C VAL A 401 -14.33 -14.21 22.05
N LEU A 402 -15.38 -13.91 22.80
CA LEU A 402 -15.33 -12.81 23.76
C LEU A 402 -14.32 -13.16 24.86
N ASN A 403 -14.34 -14.40 25.31
CA ASN A 403 -13.39 -14.80 26.35
C ASN A 403 -12.00 -14.86 25.75
N LYS A 404 -11.89 -15.38 24.54
CA LYS A 404 -10.58 -15.46 23.89
C LYS A 404 -9.97 -14.06 23.77
N ILE A 405 -10.81 -13.08 23.47
CA ILE A 405 -10.38 -11.70 23.37
C ILE A 405 -9.98 -11.17 24.74
N MET A 406 -10.83 -11.32 25.73
CA MET A 406 -10.53 -10.84 27.07
C MET A 406 -9.27 -11.47 27.63
N LYS A 407 -9.05 -12.75 27.34
CA LYS A 407 -7.84 -13.40 27.80
C LYS A 407 -6.66 -12.63 27.23
N CYS A 408 -6.63 -12.49 25.90
CA CYS A 408 -5.54 -11.79 25.22
C CYS A 408 -5.35 -10.36 25.69
N LEU A 409 -6.41 -9.74 26.20
CA LEU A 409 -6.33 -8.37 26.68
C LEU A 409 -6.15 -8.36 28.20
N ASP A 410 -5.48 -9.40 28.71
CA ASP A 410 -5.21 -9.55 30.13
C ASP A 410 -6.39 -9.37 31.07
N SER A 411 -7.50 -10.00 30.72
CA SER A 411 -8.71 -9.90 31.53
C SER A 411 -9.25 -11.31 31.81
N GLU A 412 -10.48 -11.40 32.31
CA GLU A 412 -11.10 -12.67 32.65
C GLU A 412 -12.26 -13.01 31.73
N ASP A 413 -12.81 -14.21 31.87
CA ASP A 413 -13.94 -14.62 31.06
C ASP A 413 -15.15 -13.76 31.42
N VAL A 414 -15.96 -13.45 30.41
CA VAL A 414 -17.14 -12.62 30.56
C VAL A 414 -18.23 -13.19 31.48
N ILE A 415 -18.86 -12.29 32.22
CA ILE A 415 -19.95 -12.69 33.11
C ILE A 415 -21.23 -12.17 32.47
N ASP A 416 -22.28 -12.98 32.49
CA ASP A 416 -23.56 -12.56 31.93
C ASP A 416 -24.36 -11.78 32.96
N GLY A 417 -24.45 -10.47 32.76
CA GLY A 417 -25.21 -9.64 33.68
C GLY A 417 -26.31 -8.88 33.01
N MET A 418 -26.80 -9.42 31.90
CA MET A 418 -27.86 -8.75 31.15
C MET A 418 -29.20 -8.69 31.89
N ARG A 419 -29.37 -9.56 32.88
CA ARG A 419 -30.60 -9.60 33.67
C ARG A 419 -30.37 -8.90 35.00
N PRO A 420 -31.45 -8.45 35.67
CA PRO A 420 -31.36 -7.76 36.96
C PRO A 420 -30.87 -8.66 38.10
N ILE A 421 -29.63 -9.13 37.98
CA ILE A 421 -29.00 -10.00 38.97
C ILE A 421 -27.51 -9.64 39.03
N GLU A 422 -27.21 -8.44 39.53
CA GLU A 422 -25.84 -7.97 39.64
C GLU A 422 -25.18 -8.55 40.89
N ASN A 423 -23.86 -8.71 40.84
CA ASN A 423 -23.09 -9.25 41.96
C ASN A 423 -21.95 -8.30 42.36
N ILE A 424 -21.43 -8.49 43.57
CA ILE A 424 -20.35 -7.63 44.06
C ILE A 424 -18.94 -8.16 43.96
N ALA A 425 -18.79 -9.49 43.92
CA ALA A 425 -17.47 -10.11 43.81
C ALA A 425 -17.00 -10.20 42.36
N ASN A 426 -17.60 -9.38 41.50
CA ASN A 426 -17.25 -9.35 40.07
C ASN A 426 -16.80 -7.94 39.68
N ALA A 427 -15.75 -7.45 40.35
CA ALA A 427 -15.25 -6.13 40.06
C ALA A 427 -14.02 -6.18 39.17
N ASN A 428 -13.44 -7.38 39.04
CA ASN A 428 -12.23 -7.57 38.22
C ASN A 428 -12.58 -8.33 36.94
N LYS A 429 -13.78 -8.89 36.89
CA LYS A 429 -14.21 -9.64 35.71
C LYS A 429 -15.11 -8.75 34.85
N PRO A 430 -15.02 -8.86 33.53
CA PRO A 430 -15.88 -8.04 32.68
C PRO A 430 -17.33 -8.51 32.75
N VAL A 431 -18.24 -7.57 32.95
CA VAL A 431 -19.66 -7.89 33.06
C VAL A 431 -20.49 -7.38 31.88
N LEU A 432 -20.96 -8.31 31.05
CA LEU A 432 -21.80 -7.94 29.90
C LEU A 432 -23.16 -7.48 30.44
N ARG A 433 -23.56 -6.24 30.14
CA ARG A 433 -24.85 -5.75 30.62
C ARG A 433 -25.91 -5.80 29.54
N ASN A 434 -25.48 -5.80 28.27
CA ASN A 434 -26.42 -5.81 27.16
C ASN A 434 -25.81 -6.08 25.78
N ILE A 435 -26.65 -6.51 24.84
CA ILE A 435 -26.24 -6.79 23.47
C ILE A 435 -27.20 -6.13 22.47
N ILE A 436 -26.66 -5.46 21.46
CA ILE A 436 -27.50 -4.82 20.45
C ILE A 436 -27.11 -5.35 19.07
N VAL A 437 -28.10 -5.78 18.31
CA VAL A 437 -27.82 -6.31 16.99
C VAL A 437 -28.57 -5.52 15.92
N SER A 438 -27.97 -5.44 14.73
CA SER A 438 -28.60 -4.74 13.62
C SER A 438 -29.74 -5.60 13.08
N ASN A 439 -30.39 -5.11 12.03
CA ASN A 439 -31.51 -5.82 11.43
C ASN A 439 -31.64 -5.43 9.95
N TRP A 440 -30.53 -5.03 9.33
CA TRP A 440 -30.53 -4.61 7.93
C TRP A 440 -30.97 -5.67 6.92
N THR A 441 -30.53 -6.91 7.09
CA THR A 441 -30.94 -7.95 6.15
C THR A 441 -32.45 -8.22 6.24
N ARG A 442 -33.01 -8.12 7.45
CA ARG A 442 -34.43 -8.40 7.64
C ARG A 442 -35.36 -7.19 7.58
N ASP A 443 -34.79 -6.01 7.32
CA ASP A 443 -35.59 -4.79 7.21
C ASP A 443 -35.99 -4.71 5.75
N PRO A 444 -37.29 -4.68 5.45
CA PRO A 444 -37.74 -4.60 4.06
C PRO A 444 -37.23 -3.38 3.27
N TYR A 445 -36.99 -2.27 3.97
CA TYR A 445 -36.55 -1.05 3.31
C TYR A 445 -35.04 -0.94 3.08
N SER A 446 -34.29 -1.96 3.48
CA SER A 446 -32.85 -1.98 3.29
C SER A 446 -32.41 -3.29 2.62
N ARG A 447 -33.04 -4.40 3.00
CA ARG A 447 -32.73 -5.70 2.42
C ARG A 447 -31.23 -5.86 2.17
N GLY A 448 -30.43 -5.67 3.21
CA GLY A 448 -28.99 -5.80 3.07
C GLY A 448 -28.19 -4.56 3.48
N ALA A 449 -26.87 -4.67 3.42
CA ALA A 449 -26.00 -3.57 3.79
C ALA A 449 -25.78 -2.51 2.73
N TYR A 450 -25.19 -2.90 1.60
CA TYR A 450 -24.90 -1.96 0.51
C TYR A 450 -24.35 -2.70 -0.71
N SER A 451 -24.16 -1.97 -1.80
CA SER A 451 -23.64 -2.52 -3.05
C SER A 451 -22.40 -3.38 -2.76
N ALA A 452 -22.26 -4.49 -3.49
CA ALA A 452 -21.13 -5.38 -3.32
C ALA A 452 -20.99 -6.24 -4.58
N CYS A 453 -19.80 -6.80 -4.82
CA CYS A 453 -19.56 -7.59 -6.01
C CYS A 453 -19.39 -9.10 -5.86
N PHE A 454 -20.23 -9.87 -6.55
CA PHE A 454 -20.11 -11.33 -6.57
C PHE A 454 -19.15 -11.52 -7.74
N PRO A 455 -18.33 -12.59 -7.72
CA PRO A 455 -17.41 -12.75 -8.84
C PRO A 455 -18.11 -12.60 -10.20
N GLY A 456 -17.51 -11.79 -11.07
CA GLY A 456 -18.08 -11.57 -12.38
C GLY A 456 -18.87 -10.28 -12.49
N ASP A 457 -19.19 -9.67 -11.35
CA ASP A 457 -19.95 -8.43 -11.36
C ASP A 457 -19.14 -7.25 -11.89
N ASP A 458 -19.86 -6.20 -12.27
CA ASP A 458 -19.24 -4.98 -12.81
C ASP A 458 -20.08 -3.79 -12.37
N PRO A 459 -19.61 -3.05 -11.36
CA PRO A 459 -20.30 -1.87 -10.83
C PRO A 459 -20.49 -0.74 -11.82
N VAL A 460 -19.49 -0.51 -12.66
CA VAL A 460 -19.55 0.56 -13.65
C VAL A 460 -20.91 0.64 -14.34
N ASP A 461 -21.45 -0.52 -14.73
CA ASP A 461 -22.72 -0.59 -15.41
C ASP A 461 -23.90 0.03 -14.64
N MET A 462 -24.10 -0.40 -13.41
CA MET A 462 -25.19 0.17 -12.63
C MET A 462 -24.93 1.67 -12.38
N VAL A 463 -23.68 2.04 -12.18
CA VAL A 463 -23.32 3.43 -11.96
C VAL A 463 -23.76 4.30 -13.14
N VAL A 464 -23.39 3.89 -14.35
CA VAL A 464 -23.74 4.63 -15.55
C VAL A 464 -25.26 4.63 -15.77
N ALA A 465 -25.88 3.46 -15.63
CA ALA A 465 -27.32 3.31 -15.81
C ALA A 465 -28.08 4.24 -14.87
N MET A 466 -27.68 4.24 -13.60
CA MET A 466 -28.32 5.08 -12.59
C MET A 466 -27.97 6.55 -12.83
N SER A 467 -26.69 6.79 -13.09
CA SER A 467 -26.19 8.13 -13.33
C SER A 467 -26.92 8.76 -14.53
N ASN A 468 -27.15 7.97 -15.57
CA ASN A 468 -27.84 8.44 -16.77
C ASN A 468 -29.32 8.70 -16.50
N GLY A 469 -29.90 7.96 -15.55
CA GLY A 469 -31.31 8.15 -15.21
C GLY A 469 -32.28 7.43 -16.14
N GLN A 470 -33.53 7.32 -15.72
CA GLN A 470 -34.55 6.66 -16.52
C GLN A 470 -34.93 7.65 -17.63
N ASP A 471 -34.68 8.92 -17.36
CA ASP A 471 -34.97 10.00 -18.30
C ASP A 471 -34.84 11.34 -17.58
N SER A 472 -34.83 12.43 -18.34
CA SER A 472 -34.70 13.76 -17.77
C SER A 472 -35.57 14.07 -16.57
N ARG A 473 -36.56 13.23 -16.30
CA ARG A 473 -37.47 13.45 -15.18
C ARG A 473 -37.35 12.44 -14.03
N ILE A 474 -37.15 11.18 -14.35
CA ILE A 474 -37.01 10.14 -13.33
C ILE A 474 -35.51 9.86 -13.06
N ARG A 475 -34.98 10.46 -12.00
CA ARG A 475 -33.57 10.33 -11.63
C ARG A 475 -33.26 9.39 -10.47
N PHE A 476 -31.98 9.09 -10.30
CA PHE A 476 -31.53 8.21 -9.22
C PHE A 476 -30.37 8.80 -8.43
N ALA A 477 -30.34 8.48 -7.14
CA ALA A 477 -29.28 8.91 -6.24
C ALA A 477 -29.13 7.78 -5.23
N GLY A 478 -28.00 7.73 -4.55
CA GLY A 478 -27.75 6.67 -3.58
C GLY A 478 -26.36 6.08 -3.75
N GLU A 479 -25.84 5.45 -2.71
CA GLU A 479 -24.49 4.88 -2.74
C GLU A 479 -24.21 3.93 -3.91
N HIS A 480 -25.21 3.65 -4.71
CA HIS A 480 -25.07 2.74 -5.85
C HIS A 480 -25.20 3.51 -7.16
N THR A 481 -25.34 4.82 -7.06
CA THR A 481 -25.51 5.64 -8.25
C THR A 481 -24.30 6.53 -8.47
N ILE A 482 -23.18 6.17 -7.88
CA ILE A 482 -21.98 6.97 -8.03
C ILE A 482 -20.72 6.10 -8.00
N MET A 483 -19.63 6.63 -8.55
CA MET A 483 -18.36 5.93 -8.62
C MET A 483 -17.45 6.25 -7.44
N ASP A 484 -17.16 7.53 -7.25
CA ASP A 484 -16.31 7.92 -6.13
C ASP A 484 -17.16 7.78 -4.88
N GLY A 485 -16.68 7.00 -3.92
CA GLY A 485 -17.42 6.82 -2.69
C GLY A 485 -18.54 5.80 -2.82
N ALA A 486 -18.46 4.97 -3.85
CA ALA A 486 -19.48 3.94 -4.07
C ALA A 486 -19.69 3.15 -2.78
N GLY A 487 -20.94 2.92 -2.43
CA GLY A 487 -21.26 2.16 -1.22
C GLY A 487 -20.94 2.87 0.09
N CYS A 488 -20.56 4.15 0.03
CA CYS A 488 -20.21 4.89 1.24
C CYS A 488 -21.16 6.04 1.52
N ALA A 489 -21.12 6.54 2.75
CA ALA A 489 -21.97 7.66 3.16
C ALA A 489 -21.76 8.89 2.29
N TYR A 490 -20.50 9.25 2.04
CA TYR A 490 -20.24 10.43 1.22
C TYR A 490 -20.62 10.23 -0.25
N GLY A 491 -20.51 8.99 -0.73
CA GLY A 491 -20.89 8.74 -2.11
C GLY A 491 -22.38 9.01 -2.26
N ALA A 492 -23.17 8.51 -1.31
CA ALA A 492 -24.61 8.71 -1.33
C ALA A 492 -24.92 10.19 -1.24
N TRP A 493 -24.18 10.87 -0.37
CA TRP A 493 -24.32 12.32 -0.15
C TRP A 493 -24.05 13.09 -1.44
N GLU A 494 -22.98 12.73 -2.15
CA GLU A 494 -22.64 13.42 -3.38
C GLU A 494 -23.69 13.17 -4.46
N SER A 495 -24.08 11.90 -4.62
CA SER A 495 -25.08 11.54 -5.61
C SER A 495 -26.32 12.39 -5.40
N GLY A 496 -26.57 12.78 -4.15
CA GLY A 496 -27.74 13.57 -3.85
C GLY A 496 -27.59 15.01 -4.33
N ARG A 497 -26.40 15.55 -4.13
CA ARG A 497 -26.14 16.91 -4.56
C ARG A 497 -26.14 16.96 -6.09
N ARG A 498 -25.70 15.86 -6.70
CA ARG A 498 -25.64 15.76 -8.14
C ARG A 498 -27.01 15.98 -8.79
N GLU A 499 -27.95 15.07 -8.53
CA GLU A 499 -29.29 15.15 -9.09
C GLU A 499 -29.94 16.48 -8.73
N ALA A 500 -29.68 16.94 -7.51
CA ALA A 500 -30.24 18.20 -7.04
C ALA A 500 -29.83 19.37 -7.92
N THR A 501 -28.53 19.49 -8.18
CA THR A 501 -28.03 20.58 -9.00
C THR A 501 -28.69 20.58 -10.38
N ARG A 502 -28.54 19.50 -11.12
CA ARG A 502 -29.15 19.38 -12.44
C ARG A 502 -30.58 19.92 -12.42
N ILE A 503 -31.46 19.25 -11.67
CA ILE A 503 -32.86 19.65 -11.56
C ILE A 503 -32.98 21.11 -11.14
N SER A 504 -32.04 21.56 -10.32
CA SER A 504 -32.06 22.92 -9.84
C SER A 504 -32.07 23.91 -11.01
N ASP A 505 -31.00 23.88 -11.82
CA ASP A 505 -30.88 24.77 -12.96
C ASP A 505 -32.01 24.62 -13.97
N LEU A 506 -32.34 23.38 -14.31
CA LEU A 506 -33.41 23.14 -15.27
C LEU A 506 -34.68 23.86 -14.83
N LEU A 507 -34.68 24.35 -13.59
CA LEU A 507 -35.81 25.08 -13.03
C LEU A 507 -35.47 26.55 -12.80
N LYS A 508 -34.26 26.80 -12.27
CA LYS A 508 -33.80 28.16 -12.01
C LYS A 508 -33.66 28.96 -13.30
N LEU A 509 -33.08 28.33 -14.31
CA LEU A 509 -32.88 28.97 -15.61
C LEU A 509 -34.18 29.24 -16.35
N GLU A 510 -35.18 28.39 -16.12
CA GLU A 510 -36.49 28.56 -16.77
C GLU A 510 -36.99 29.98 -16.51
N HIS A 511 -37.77 30.12 -15.44
CA HIS A 511 -38.31 31.40 -15.06
C HIS A 511 -37.70 31.87 -13.76
N SER B 5 46.37 -5.37 -38.11
CA SER B 5 46.67 -5.43 -36.65
C SER B 5 45.41 -5.63 -35.79
N PRO B 6 44.38 -4.77 -35.96
CA PRO B 6 43.15 -4.90 -35.18
C PRO B 6 42.47 -6.26 -35.32
N ALA B 7 42.58 -7.09 -34.28
CA ALA B 7 41.98 -8.43 -34.27
C ALA B 7 40.47 -8.35 -34.38
N LYS B 8 39.89 -9.19 -35.25
CA LYS B 8 38.45 -9.21 -35.48
C LYS B 8 37.61 -9.86 -34.38
N LYS B 9 36.46 -9.26 -34.11
CA LYS B 9 35.54 -9.74 -33.08
C LYS B 9 34.10 -9.48 -33.48
N LYS B 10 33.21 -10.39 -33.14
CA LYS B 10 31.80 -10.23 -33.46
C LYS B 10 31.23 -9.14 -32.57
N VAL B 11 31.45 -9.29 -31.27
CA VAL B 11 30.94 -8.32 -30.31
C VAL B 11 31.94 -8.05 -29.18
N ILE B 12 32.06 -6.78 -28.79
CA ILE B 12 32.94 -6.43 -27.68
C ILE B 12 32.15 -5.68 -26.61
N ILE B 13 32.08 -6.27 -25.43
CA ILE B 13 31.32 -5.69 -24.33
C ILE B 13 32.26 -4.96 -23.36
N ILE B 14 31.94 -3.69 -23.07
CA ILE B 14 32.74 -2.89 -22.15
C ILE B 14 32.14 -2.95 -20.74
N GLY B 15 32.85 -3.59 -19.82
CA GLY B 15 32.40 -3.71 -18.44
C GLY B 15 31.88 -5.10 -18.12
N ALA B 16 32.39 -5.69 -17.04
CA ALA B 16 31.97 -7.04 -16.63
C ALA B 16 31.07 -7.02 -15.41
N GLY B 17 30.18 -6.04 -15.37
CA GLY B 17 29.22 -5.96 -14.29
C GLY B 17 28.18 -6.99 -14.68
N ILE B 18 27.06 -7.03 -13.99
CA ILE B 18 26.04 -8.01 -14.29
C ILE B 18 25.41 -7.79 -15.67
N ALA B 19 25.40 -6.55 -16.16
CA ALA B 19 24.81 -6.30 -17.48
C ALA B 19 25.71 -6.89 -18.55
N GLY B 20 26.99 -6.56 -18.46
CA GLY B 20 27.96 -7.06 -19.42
C GLY B 20 28.10 -8.57 -19.36
N LEU B 21 28.12 -9.11 -18.15
CA LEU B 21 28.23 -10.54 -17.99
C LEU B 21 27.04 -11.27 -18.57
N LYS B 22 25.84 -10.73 -18.40
CA LYS B 22 24.66 -11.38 -18.95
C LYS B 22 24.58 -11.19 -20.46
N ALA B 23 25.16 -10.12 -20.97
CA ALA B 23 25.14 -9.92 -22.42
C ALA B 23 26.04 -10.96 -23.10
N ALA B 24 27.19 -11.24 -22.48
CA ALA B 24 28.11 -12.23 -23.01
C ALA B 24 27.49 -13.63 -22.91
N SER B 25 26.88 -13.91 -21.77
CA SER B 25 26.23 -15.19 -21.54
C SER B 25 25.17 -15.42 -22.61
N THR B 26 24.33 -14.42 -22.82
CA THR B 26 23.28 -14.54 -23.82
C THR B 26 23.87 -14.84 -25.20
N LEU B 27 24.93 -14.12 -25.58
CA LEU B 27 25.59 -14.32 -26.88
C LEU B 27 26.09 -15.76 -27.09
N HIS B 28 26.81 -16.29 -26.09
CA HIS B 28 27.35 -17.64 -26.16
C HIS B 28 26.22 -18.66 -26.26
N GLN B 29 25.19 -18.46 -25.46
CA GLN B 29 24.04 -19.35 -25.47
C GLN B 29 23.36 -19.33 -26.83
N ASN B 30 23.56 -18.26 -27.59
CA ASN B 30 22.95 -18.14 -28.90
C ASN B 30 23.88 -18.56 -30.05
N GLY B 31 25.02 -19.17 -29.70
CA GLY B 31 25.96 -19.64 -30.70
C GLY B 31 26.90 -18.61 -31.31
N ILE B 32 27.08 -17.48 -30.63
CA ILE B 32 27.97 -16.45 -31.15
C ILE B 32 29.36 -16.65 -30.55
N GLN B 33 30.37 -16.59 -31.40
CA GLN B 33 31.75 -16.77 -30.97
C GLN B 33 32.57 -15.53 -31.27
N ASP B 34 33.84 -15.56 -30.91
CA ASP B 34 34.73 -14.43 -31.16
C ASP B 34 34.19 -13.13 -30.59
N CYS B 35 34.01 -13.13 -29.28
CA CYS B 35 33.51 -11.96 -28.55
C CYS B 35 34.50 -11.70 -27.43
N LEU B 36 34.38 -10.54 -26.80
CA LEU B 36 35.28 -10.13 -25.73
C LEU B 36 34.56 -9.30 -24.67
N VAL B 37 35.01 -9.43 -23.42
CA VAL B 37 34.45 -8.65 -22.30
C VAL B 37 35.60 -7.87 -21.66
N LEU B 38 35.66 -6.57 -21.95
CA LEU B 38 36.72 -5.71 -21.43
C LEU B 38 36.31 -5.06 -20.10
N GLU B 39 37.06 -5.37 -19.05
CA GLU B 39 36.80 -4.87 -17.71
C GLU B 39 37.98 -4.11 -17.10
N ALA B 40 37.73 -2.87 -16.68
CA ALA B 40 38.77 -2.02 -16.10
C ALA B 40 39.34 -2.47 -14.74
N ARG B 41 38.48 -3.01 -13.87
CA ARG B 41 38.93 -3.49 -12.54
C ARG B 41 39.60 -4.85 -12.69
N ASP B 42 40.15 -5.36 -11.60
CA ASP B 42 40.81 -6.67 -11.60
C ASP B 42 39.81 -7.76 -11.20
N ARG B 43 38.52 -7.48 -11.36
CA ARG B 43 37.49 -8.43 -10.98
C ARG B 43 36.22 -8.18 -11.78
N VAL B 44 35.29 -9.15 -11.75
CA VAL B 44 34.02 -8.98 -12.43
C VAL B 44 33.00 -8.64 -11.35
N GLY B 45 31.78 -8.34 -11.75
CA GLY B 45 30.74 -8.01 -10.79
C GLY B 45 30.32 -6.55 -10.75
N GLY B 46 31.27 -5.63 -10.92
CA GLY B 46 30.95 -4.21 -10.89
C GLY B 46 30.35 -3.79 -9.55
N ARG B 47 29.12 -3.29 -9.58
CA ARG B 47 28.48 -2.84 -8.35
C ARG B 47 27.96 -4.02 -7.54
N LEU B 48 28.35 -5.22 -7.95
CA LEU B 48 28.01 -6.44 -7.21
C LEU B 48 29.37 -6.93 -6.79
N GLN B 49 29.69 -6.74 -5.51
CA GLN B 49 30.98 -7.18 -4.97
C GLN B 49 30.84 -7.65 -3.53
N THR B 50 31.31 -8.86 -3.26
CA THR B 50 31.25 -9.38 -1.91
C THR B 50 32.64 -9.27 -1.32
N VAL B 51 32.72 -8.79 -0.09
CA VAL B 51 34.01 -8.62 0.56
C VAL B 51 34.15 -9.54 1.76
N THR B 52 35.37 -9.63 2.27
CA THR B 52 35.64 -10.47 3.43
C THR B 52 36.07 -9.65 4.63
N GLY B 53 35.48 -9.94 5.79
CA GLY B 53 35.83 -9.21 6.99
C GLY B 53 36.24 -10.12 8.12
N TYR B 54 36.13 -9.57 9.33
CA TYR B 54 36.49 -10.30 10.54
C TYR B 54 36.10 -11.78 10.50
N GLN B 55 37.08 -12.65 10.68
CA GLN B 55 36.86 -14.10 10.70
C GLN B 55 36.29 -14.78 9.45
N GLY B 56 36.53 -14.21 8.27
CA GLY B 56 36.02 -14.83 7.07
C GLY B 56 34.57 -14.55 6.76
N ARG B 57 33.92 -13.74 7.61
CA ARG B 57 32.51 -13.38 7.40
C ARG B 57 32.41 -12.63 6.08
N LYS B 58 31.35 -12.88 5.34
CA LYS B 58 31.17 -12.22 4.05
C LYS B 58 30.00 -11.25 4.04
N TYR B 59 30.17 -10.16 3.28
CA TYR B 59 29.14 -9.14 3.15
C TYR B 59 29.13 -8.57 1.74
N ASP B 60 27.95 -8.24 1.25
CA ASP B 60 27.81 -7.63 -0.06
C ASP B 60 27.90 -6.12 0.17
N ILE B 61 28.98 -5.49 -0.28
CA ILE B 61 29.14 -4.05 -0.09
C ILE B 61 28.47 -3.24 -1.19
N GLY B 62 27.94 -3.93 -2.20
CA GLY B 62 27.21 -3.28 -3.28
C GLY B 62 25.78 -3.76 -3.10
N ALA B 63 25.14 -4.26 -4.15
CA ALA B 63 23.79 -4.79 -4.06
C ALA B 63 23.69 -5.93 -3.04
N SER B 64 22.56 -6.02 -2.35
CA SER B 64 22.35 -7.05 -1.34
C SER B 64 21.03 -7.78 -1.48
N TRP B 65 20.09 -7.16 -2.17
CA TRP B 65 18.77 -7.74 -2.29
C TRP B 65 18.26 -7.94 -3.70
N HIS B 66 17.34 -8.90 -3.83
CA HIS B 66 16.66 -9.17 -5.08
C HIS B 66 15.35 -8.43 -4.77
N HIS B 67 15.04 -7.40 -5.54
CA HIS B 67 13.82 -6.67 -5.30
C HIS B 67 12.73 -7.22 -6.21
N ASP B 68 11.49 -6.87 -5.92
CA ASP B 68 10.35 -7.29 -6.73
C ASP B 68 10.33 -8.79 -7.01
N THR B 69 10.49 -9.62 -5.99
CA THR B 69 10.51 -11.07 -6.19
C THR B 69 9.27 -11.66 -6.87
N LEU B 70 8.22 -10.88 -7.07
CA LEU B 70 7.05 -11.41 -7.72
C LEU B 70 7.24 -11.47 -9.22
N THR B 71 8.00 -10.51 -9.77
CA THR B 71 8.25 -10.41 -11.20
C THR B 71 9.72 -10.53 -11.62
N ASN B 72 10.62 -10.14 -10.73
CA ASN B 72 12.06 -10.18 -10.96
C ASN B 72 12.54 -11.44 -11.72
N PRO B 73 12.87 -11.31 -13.02
CA PRO B 73 13.32 -12.46 -13.81
C PRO B 73 14.62 -13.09 -13.31
N LEU B 74 15.53 -12.27 -12.79
CA LEU B 74 16.79 -12.81 -12.27
C LEU B 74 16.51 -13.63 -11.01
N PHE B 75 15.64 -13.11 -10.14
CA PHE B 75 15.30 -13.81 -8.90
C PHE B 75 14.62 -15.16 -9.21
N LEU B 76 13.63 -15.11 -10.09
CA LEU B 76 12.89 -16.30 -10.48
C LEU B 76 13.87 -17.36 -10.98
N GLU B 77 14.80 -16.94 -11.84
CA GLU B 77 15.81 -17.85 -12.35
C GLU B 77 16.57 -18.48 -11.19
N GLU B 78 17.01 -17.65 -10.24
CA GLU B 78 17.73 -18.15 -9.08
C GLU B 78 16.89 -19.08 -8.23
N ALA B 79 15.61 -18.75 -8.10
CA ALA B 79 14.69 -19.54 -7.29
C ALA B 79 14.46 -20.94 -7.88
N GLN B 80 14.48 -21.03 -9.21
CA GLN B 80 14.29 -22.31 -9.88
C GLN B 80 15.43 -23.25 -9.52
N LEU B 81 16.65 -22.75 -9.62
CA LEU B 81 17.82 -23.55 -9.29
C LEU B 81 17.67 -24.16 -7.90
N SER B 82 17.40 -23.31 -6.90
CA SER B 82 17.25 -23.74 -5.52
C SER B 82 16.13 -24.74 -5.30
N LEU B 83 15.25 -24.86 -6.27
CA LEU B 83 14.14 -25.80 -6.17
C LEU B 83 14.63 -27.23 -6.46
N ASN B 84 15.78 -27.32 -7.11
CA ASN B 84 16.37 -28.62 -7.47
C ASN B 84 17.46 -29.09 -6.52
N ASP B 85 18.59 -28.40 -6.55
CA ASP B 85 19.72 -28.73 -5.70
C ASP B 85 19.44 -28.44 -4.24
N GLY B 86 18.28 -27.86 -3.95
CA GLY B 86 17.94 -27.54 -2.58
C GLY B 86 18.93 -26.63 -1.87
N ARG B 87 19.74 -25.91 -2.63
CA ARG B 87 20.72 -25.00 -2.03
C ARG B 87 20.10 -23.65 -1.67
N THR B 88 20.58 -23.05 -0.60
CA THR B 88 20.09 -21.76 -0.15
C THR B 88 20.90 -20.65 -0.81
N ARG B 89 20.28 -19.94 -1.75
CA ARG B 89 20.95 -18.85 -2.45
C ARG B 89 20.49 -17.48 -1.94
N PHE B 90 19.35 -17.47 -1.27
CA PHE B 90 18.77 -16.24 -0.73
C PHE B 90 17.91 -16.51 0.49
N VAL B 91 17.49 -15.44 1.15
CA VAL B 91 16.62 -15.54 2.32
C VAL B 91 15.69 -14.33 2.42
N PHE B 92 14.39 -14.60 2.55
CA PHE B 92 13.42 -13.53 2.67
C PHE B 92 13.57 -12.92 4.04
N ASP B 93 14.12 -11.71 4.08
CA ASP B 93 14.38 -11.03 5.34
C ASP B 93 13.56 -9.79 5.64
N ASP B 94 12.41 -9.63 5.00
CA ASP B 94 11.57 -8.48 5.32
C ASP B 94 11.08 -8.75 6.74
N ASP B 95 10.88 -7.68 7.52
CA ASP B 95 10.47 -7.82 8.91
C ASP B 95 9.79 -6.52 9.33
N ASN B 96 9.29 -6.46 10.55
CA ASN B 96 8.65 -5.25 11.04
C ASN B 96 9.75 -4.29 11.52
N PHE B 97 9.76 -3.11 10.91
CA PHE B 97 10.76 -2.10 11.25
C PHE B 97 10.74 -1.58 12.67
N ILE B 98 11.93 -1.49 13.24
CA ILE B 98 12.08 -0.95 14.59
C ILE B 98 12.62 0.45 14.35
N TYR B 99 11.94 1.46 14.90
CA TYR B 99 12.38 2.84 14.71
C TYR B 99 12.82 3.40 16.05
N ILE B 100 13.96 4.07 16.03
CA ILE B 100 14.55 4.62 17.23
C ILE B 100 14.89 6.11 17.19
N ASP B 101 14.31 6.87 18.11
CA ASP B 101 14.62 8.29 18.23
C ASP B 101 15.63 8.36 19.36
N GLU B 102 16.53 9.33 19.30
CA GLU B 102 17.55 9.48 20.32
C GLU B 102 16.91 9.69 21.71
N GLU B 103 15.98 10.63 21.82
CA GLU B 103 15.33 10.91 23.10
C GLU B 103 14.33 9.82 23.45
N ARG B 104 13.18 9.88 22.77
CA ARG B 104 12.06 8.97 22.96
C ARG B 104 12.31 7.46 22.91
N GLY B 105 13.31 7.00 22.17
CA GLY B 105 13.56 5.57 22.09
C GLY B 105 12.77 4.93 20.94
N ARG B 106 12.28 3.71 21.13
CA ARG B 106 11.51 3.04 20.09
C ARG B 106 10.17 3.70 19.87
N VAL B 107 9.89 4.06 18.62
CA VAL B 107 8.63 4.72 18.27
C VAL B 107 7.80 3.90 17.29
N ASP B 108 8.29 2.71 16.95
CA ASP B 108 7.58 1.85 16.02
C ASP B 108 6.36 1.21 16.69
N HIS B 109 5.38 0.83 15.88
CA HIS B 109 4.18 0.17 16.39
C HIS B 109 3.75 0.75 17.75
N ASP B 110 3.69 2.07 17.85
CA ASP B 110 3.29 2.72 19.10
C ASP B 110 1.81 3.07 19.07
N LYS B 111 1.08 2.69 20.11
CA LYS B 111 -0.36 2.90 20.17
C LYS B 111 -0.84 4.35 20.27
N GLU B 112 0.08 5.28 20.50
CA GLU B 112 -0.27 6.69 20.56
C GLU B 112 0.25 7.40 19.32
N LEU B 113 1.51 7.14 18.99
CA LEU B 113 2.14 7.76 17.82
C LEU B 113 1.56 7.26 16.49
N LEU B 114 1.37 5.95 16.38
CA LEU B 114 0.81 5.34 15.17
C LEU B 114 1.49 5.88 13.91
N LEU B 115 2.81 5.94 13.94
CA LEU B 115 3.58 6.49 12.83
C LEU B 115 3.48 5.74 11.51
N GLU B 116 3.55 4.41 11.53
CA GLU B 116 3.47 3.65 10.29
C GLU B 116 2.14 3.95 9.60
N ILE B 117 1.10 4.18 10.39
CA ILE B 117 -0.21 4.48 9.84
C ILE B 117 -0.25 5.84 9.13
N VAL B 118 0.25 6.89 9.77
CA VAL B 118 0.23 8.18 9.09
C VAL B 118 1.18 8.20 7.89
N ASP B 119 2.22 7.36 7.94
CA ASP B 119 3.17 7.25 6.83
C ASP B 119 2.41 6.72 5.62
N ASN B 120 1.55 5.74 5.88
CA ASN B 120 0.76 5.16 4.82
C ASN B 120 -0.14 6.22 4.20
N GLU B 121 -0.73 7.09 5.03
CA GLU B 121 -1.60 8.16 4.52
C GLU B 121 -0.79 9.14 3.67
N MET B 122 0.45 9.36 4.08
CA MET B 122 1.35 10.27 3.36
C MET B 122 1.64 9.72 1.95
N SER B 123 1.97 8.44 1.85
CA SER B 123 2.23 7.80 0.57
C SER B 123 1.04 8.03 -0.34
N LYS B 124 -0.16 7.83 0.22
CA LYS B 124 -1.40 8.01 -0.53
C LYS B 124 -1.53 9.45 -1.02
N PHE B 125 -1.13 10.38 -0.16
CA PHE B 125 -1.16 11.81 -0.45
C PHE B 125 -0.24 12.12 -1.64
N ALA B 126 0.96 11.57 -1.61
CA ALA B 126 1.93 11.76 -2.68
C ALA B 126 1.37 11.21 -3.98
N GLU B 127 0.79 10.02 -3.90
CA GLU B 127 0.19 9.38 -5.05
C GLU B 127 -0.94 10.27 -5.60
N LEU B 128 -1.83 10.73 -4.72
CA LEU B 128 -2.92 11.58 -5.17
C LEU B 128 -2.39 12.92 -5.69
N GLU B 129 -1.15 13.23 -5.34
CA GLU B 129 -0.54 14.47 -5.74
C GLU B 129 -0.01 14.47 -7.18
N PHE B 130 0.62 13.37 -7.59
CA PHE B 130 1.19 13.32 -8.94
C PHE B 130 0.50 12.35 -9.90
N HIS B 131 0.03 11.23 -9.39
CA HIS B 131 -0.62 10.22 -10.24
C HIS B 131 -1.89 10.78 -10.86
N GLN B 132 -2.05 10.53 -12.16
CA GLN B 132 -3.20 11.00 -12.88
C GLN B 132 -3.02 12.41 -13.41
N HIS B 133 -3.07 13.38 -12.49
CA HIS B 133 -2.95 14.80 -12.81
C HIS B 133 -1.72 15.20 -13.62
N LEU B 134 -1.94 15.66 -14.85
CA LEU B 134 -0.87 16.07 -15.75
C LEU B 134 -0.40 17.49 -15.49
N GLY B 135 0.90 17.71 -15.64
CA GLY B 135 1.43 19.05 -15.47
C GLY B 135 1.82 19.54 -14.09
N VAL B 136 1.57 18.75 -13.05
CA VAL B 136 1.96 19.19 -11.71
C VAL B 136 3.47 19.40 -11.67
N SER B 137 3.91 20.47 -11.02
CA SER B 137 5.32 20.77 -10.91
C SER B 137 5.96 19.74 -9.97
N ASP B 138 7.26 19.46 -10.12
CA ASP B 138 7.91 18.44 -9.30
C ASP B 138 8.24 18.70 -7.80
N CYS B 139 9.18 19.56 -7.47
CA CYS B 139 9.54 19.82 -6.05
C CYS B 139 10.23 18.64 -5.33
N SER B 140 10.98 18.96 -4.26
CA SER B 140 11.69 17.95 -3.48
C SER B 140 10.80 17.14 -2.53
N PHE B 141 11.32 16.01 -2.07
CA PHE B 141 10.58 15.13 -1.17
C PHE B 141 10.24 15.85 0.15
N PHE B 142 11.18 16.63 0.65
CA PHE B 142 11.02 17.41 1.87
C PHE B 142 9.82 18.35 1.74
N GLN B 143 9.78 19.05 0.62
CA GLN B 143 8.69 19.99 0.36
C GLN B 143 7.35 19.26 0.24
N LEU B 144 7.39 18.01 -0.19
CA LEU B 144 6.17 17.22 -0.32
C LEU B 144 5.65 16.89 1.06
N VAL B 145 6.56 16.56 1.96
CA VAL B 145 6.21 16.23 3.33
C VAL B 145 5.66 17.45 4.06
N MET B 146 6.30 18.60 3.90
CA MET B 146 5.83 19.83 4.54
C MET B 146 4.43 20.15 4.03
N LYS B 147 4.19 19.92 2.75
CA LYS B 147 2.88 20.20 2.18
C LYS B 147 1.82 19.30 2.81
N TYR B 148 2.19 18.05 3.07
CA TYR B 148 1.27 17.10 3.69
C TYR B 148 0.95 17.55 5.12
N LEU B 149 1.98 17.89 5.87
CA LEU B 149 1.81 18.35 7.26
C LEU B 149 0.92 19.59 7.30
N LEU B 150 1.13 20.49 6.34
CA LEU B 150 0.37 21.71 6.26
C LEU B 150 -1.10 21.48 6.01
N GLN B 151 -1.39 20.61 5.04
CA GLN B 151 -2.75 20.30 4.69
C GLN B 151 -3.51 19.42 5.68
N ARG B 152 -2.79 18.64 6.47
CA ARG B 152 -3.45 17.72 7.39
C ARG B 152 -3.17 17.96 8.87
N ARG B 153 -2.63 19.13 9.20
CA ARG B 153 -2.30 19.47 10.59
C ARG B 153 -3.49 19.34 11.57
N GLN B 154 -4.71 19.57 11.10
CA GLN B 154 -5.88 19.47 11.98
C GLN B 154 -6.13 18.04 12.43
N PHE B 155 -5.59 17.08 11.67
CA PHE B 155 -5.79 15.66 11.92
C PHE B 155 -4.54 14.93 12.42
N LEU B 156 -3.60 15.68 12.99
CA LEU B 156 -2.37 15.06 13.48
C LEU B 156 -2.05 15.58 14.86
N THR B 157 -1.48 14.72 15.69
CA THR B 157 -1.08 15.11 17.02
C THR B 157 0.27 15.81 16.93
N ASN B 158 0.65 16.54 17.97
CA ASN B 158 1.92 17.23 17.99
C ASN B 158 3.07 16.26 17.80
N ASP B 159 2.99 15.10 18.45
CA ASP B 159 4.02 14.07 18.34
C ASP B 159 4.13 13.48 16.93
N GLN B 160 2.99 13.37 16.24
CA GLN B 160 2.98 12.83 14.89
C GLN B 160 3.64 13.83 13.94
N ILE B 161 3.32 15.12 14.11
CA ILE B 161 3.89 16.17 13.28
C ILE B 161 5.40 16.23 13.44
N ARG B 162 5.86 15.91 14.66
CA ARG B 162 7.27 15.94 14.96
C ARG B 162 8.06 14.74 14.45
N TYR B 163 7.56 13.54 14.70
CA TYR B 163 8.25 12.33 14.29
C TYR B 163 7.91 11.74 12.92
N LEU B 164 6.74 12.04 12.37
CA LEU B 164 6.41 11.48 11.07
C LEU B 164 7.42 11.86 10.00
N PRO B 165 7.66 13.16 9.78
CA PRO B 165 8.62 13.59 8.76
C PRO B 165 9.97 12.88 8.84
N GLN B 166 10.42 12.59 10.05
CA GLN B 166 11.70 11.91 10.22
C GLN B 166 11.61 10.42 9.91
N LEU B 167 10.46 9.80 10.19
CA LEU B 167 10.27 8.39 9.90
C LEU B 167 10.11 8.16 8.39
N CYS B 168 9.53 9.13 7.69
CA CYS B 168 9.34 9.04 6.24
C CYS B 168 10.66 9.01 5.49
N ARG B 169 11.69 9.58 6.09
CA ARG B 169 12.98 9.66 5.44
C ARG B 169 13.71 8.34 5.24
N TYR B 170 13.14 7.23 5.70
CA TYR B 170 13.81 5.95 5.46
C TYR B 170 13.87 5.78 3.93
N LEU B 171 12.97 6.44 3.21
CA LEU B 171 12.97 6.36 1.76
C LEU B 171 14.28 6.89 1.18
N GLU B 172 14.99 7.70 1.96
CA GLU B 172 16.27 8.26 1.52
C GLU B 172 17.22 7.09 1.29
N LEU B 173 17.05 6.03 2.06
CA LEU B 173 17.93 4.89 1.89
C LEU B 173 17.56 3.98 0.72
N TRP B 174 16.58 4.38 -0.06
CA TRP B 174 16.22 3.62 -1.24
C TRP B 174 16.82 4.33 -2.44
N HIS B 175 17.02 5.63 -2.29
CA HIS B 175 17.55 6.43 -3.38
C HIS B 175 19.00 6.82 -3.20
N GLY B 176 19.47 6.80 -1.95
CA GLY B 176 20.83 7.21 -1.67
C GLY B 176 20.89 8.73 -1.70
N LEU B 177 19.74 9.37 -1.52
CA LEU B 177 19.63 10.82 -1.53
C LEU B 177 18.85 11.46 -0.36
N ASP B 178 19.39 12.58 0.15
CA ASP B 178 18.77 13.35 1.22
C ASP B 178 17.45 13.91 0.69
N TRP B 179 16.43 13.94 1.52
CA TRP B 179 15.12 14.41 1.10
C TRP B 179 15.03 15.79 0.47
N LYS B 180 16.07 16.61 0.57
CA LYS B 180 16.02 17.95 -0.03
C LYS B 180 16.67 17.93 -1.40
N LEU B 181 17.33 16.82 -1.70
CA LEU B 181 18.00 16.62 -2.97
C LEU B 181 17.18 15.67 -3.83
N LEU B 182 16.20 15.01 -3.20
CA LEU B 182 15.38 14.04 -3.90
C LEU B 182 14.09 14.56 -4.53
N SER B 183 13.83 14.10 -5.74
CA SER B 183 12.63 14.45 -6.49
C SER B 183 11.41 13.79 -5.87
N ALA B 184 10.42 14.61 -5.54
CA ALA B 184 9.19 14.11 -4.94
C ALA B 184 8.48 13.13 -5.91
N LYS B 185 8.46 13.46 -7.20
CA LYS B 185 7.83 12.61 -8.20
C LYS B 185 8.44 11.20 -8.31
N ASP B 186 9.67 11.04 -7.86
CA ASP B 186 10.31 9.73 -7.96
C ASP B 186 10.40 9.00 -6.64
N THR B 187 10.05 9.68 -5.55
CA THR B 187 10.16 9.08 -4.23
C THR B 187 9.42 7.78 -4.01
N TYR B 188 8.09 7.79 -4.17
CA TYR B 188 7.34 6.58 -3.95
C TYR B 188 7.30 5.70 -5.20
N PHE B 189 7.11 4.41 -5.00
CA PHE B 189 7.06 3.45 -6.09
C PHE B 189 6.65 2.11 -5.49
N GLY B 190 5.82 1.38 -6.23
CA GLY B 190 5.36 0.10 -5.73
C GLY B 190 6.40 -0.99 -5.89
N HIS B 191 6.66 -1.74 -4.82
CA HIS B 191 7.60 -2.84 -4.84
C HIS B 191 6.78 -4.06 -5.22
N GLN B 192 7.16 -4.74 -6.31
CA GLN B 192 6.41 -5.92 -6.74
C GLN B 192 6.67 -7.12 -5.83
N GLY B 193 6.27 -7.02 -4.57
CA GLY B 193 6.49 -8.13 -3.64
C GLY B 193 7.67 -7.97 -2.71
N ARG B 194 7.79 -8.90 -1.78
CA ARG B 194 8.88 -8.90 -0.80
C ARG B 194 10.27 -8.93 -1.45
N ASN B 195 11.28 -8.59 -0.66
CA ASN B 195 12.64 -8.60 -1.14
C ASN B 195 13.33 -9.88 -0.64
N ALA B 196 14.41 -10.26 -1.29
CA ALA B 196 15.14 -11.45 -0.88
C ALA B 196 16.62 -11.13 -0.77
N PHE B 197 17.13 -11.21 0.45
CA PHE B 197 18.53 -10.92 0.73
C PHE B 197 19.40 -12.00 0.11
N ALA B 198 20.14 -11.66 -0.94
CA ALA B 198 21.01 -12.62 -1.60
C ALA B 198 22.12 -13.01 -0.65
N LEU B 199 22.37 -14.30 -0.52
CA LEU B 199 23.41 -14.79 0.36
C LEU B 199 24.64 -15.02 -0.49
N ASN B 200 25.16 -13.91 -1.01
CA ASN B 200 26.30 -13.95 -1.87
C ASN B 200 25.84 -13.65 -3.26
N TYR B 201 25.82 -12.36 -3.60
CA TYR B 201 25.44 -11.93 -4.95
C TYR B 201 26.58 -12.39 -5.86
N ASP B 202 27.75 -12.61 -5.25
CA ASP B 202 28.95 -13.06 -5.98
C ASP B 202 28.68 -14.42 -6.59
N SER B 203 27.86 -15.21 -5.89
CA SER B 203 27.48 -16.53 -6.35
C SER B 203 26.65 -16.38 -7.62
N VAL B 204 25.90 -15.29 -7.72
CA VAL B 204 25.09 -15.05 -8.91
C VAL B 204 26.03 -14.57 -9.99
N VAL B 205 26.97 -13.70 -9.62
CA VAL B 205 27.94 -13.17 -10.58
C VAL B 205 28.79 -14.27 -11.21
N GLN B 206 29.35 -15.14 -10.38
CA GLN B 206 30.18 -16.23 -10.87
C GLN B 206 29.40 -17.22 -11.74
N ARG B 207 28.14 -17.46 -11.39
CA ARG B 207 27.34 -18.39 -12.15
C ARG B 207 27.16 -17.87 -13.57
N ILE B 208 26.93 -16.57 -13.70
CA ILE B 208 26.73 -15.99 -15.02
C ILE B 208 28.05 -15.85 -15.76
N ALA B 209 29.07 -15.39 -15.06
CA ALA B 209 30.37 -15.23 -15.69
C ALA B 209 30.84 -16.57 -16.26
N GLN B 210 30.63 -17.64 -15.51
CA GLN B 210 31.06 -18.96 -15.94
C GLN B 210 30.20 -19.64 -17.01
N SER B 211 29.19 -18.94 -17.52
CA SER B 211 28.34 -19.55 -18.53
C SER B 211 28.76 -19.24 -19.96
N PHE B 212 29.99 -18.77 -20.13
CA PHE B 212 30.51 -18.46 -21.46
C PHE B 212 32.03 -18.58 -21.48
N PRO B 213 32.65 -18.63 -22.66
CA PRO B 213 34.11 -18.76 -22.79
C PRO B 213 34.91 -17.83 -21.90
N GLN B 214 35.82 -18.42 -21.12
CA GLN B 214 36.66 -17.63 -20.22
C GLN B 214 37.73 -16.77 -20.89
N ASN B 215 38.23 -17.18 -22.05
CA ASN B 215 39.23 -16.38 -22.73
C ASN B 215 38.57 -15.16 -23.37
N TRP B 216 37.27 -15.01 -23.12
CA TRP B 216 36.50 -13.89 -23.61
C TRP B 216 36.71 -12.71 -22.65
N LEU B 217 37.04 -13.05 -21.40
CA LEU B 217 37.22 -12.06 -20.35
C LEU B 217 38.61 -11.46 -20.24
N LYS B 218 38.67 -10.15 -20.31
CA LYS B 218 39.93 -9.44 -20.22
C LYS B 218 39.84 -8.41 -19.09
N LEU B 219 40.36 -8.78 -17.92
CA LEU B 219 40.32 -7.88 -16.76
C LEU B 219 41.45 -6.87 -16.80
N SER B 220 41.35 -5.87 -15.94
CA SER B 220 42.35 -4.83 -15.86
C SER B 220 42.61 -4.10 -17.18
N CYS B 221 41.69 -4.19 -18.13
CA CYS B 221 41.85 -3.45 -19.39
C CYS B 221 40.81 -2.33 -19.37
N GLU B 222 41.28 -1.09 -19.32
CA GLU B 222 40.40 0.08 -19.29
C GLU B 222 40.20 0.66 -20.68
N VAL B 223 38.98 0.58 -21.19
CA VAL B 223 38.67 1.11 -22.51
C VAL B 223 38.74 2.64 -22.46
N LYS B 224 39.43 3.26 -23.42
CA LYS B 224 39.56 4.71 -23.44
C LYS B 224 38.89 5.40 -24.63
N SER B 225 38.60 4.65 -25.69
CA SER B 225 37.93 5.26 -26.84
C SER B 225 37.27 4.25 -27.75
N ILE B 226 36.23 4.72 -28.43
CA ILE B 226 35.44 3.91 -29.35
C ILE B 226 35.20 4.75 -30.61
N THR B 227 35.56 4.20 -31.77
CA THR B 227 35.39 4.91 -33.03
C THR B 227 34.58 4.11 -34.04
N ARG B 228 33.66 4.79 -34.73
CA ARG B 228 32.86 4.11 -35.73
C ARG B 228 33.36 4.54 -37.10
N GLU B 229 33.80 3.57 -37.89
CA GLU B 229 34.25 3.86 -39.25
C GLU B 229 32.98 3.70 -40.05
N PRO B 230 32.47 4.79 -40.66
CA PRO B 230 31.24 4.69 -41.46
C PRO B 230 31.40 3.66 -42.58
N SER B 231 31.57 2.40 -42.17
CA SER B 231 31.77 1.27 -43.07
C SER B 231 31.70 -0.05 -42.27
N LYS B 232 30.62 -0.23 -41.53
CA LYS B 232 30.43 -1.45 -40.74
C LYS B 232 31.58 -1.94 -39.88
N ASN B 233 32.08 -1.11 -38.98
CA ASN B 233 33.18 -1.50 -38.10
C ASN B 233 33.33 -0.54 -36.92
N VAL B 234 33.79 -1.06 -35.78
CA VAL B 234 33.99 -0.26 -34.58
C VAL B 234 35.35 -0.52 -33.96
N THR B 235 36.14 0.53 -33.77
CA THR B 235 37.47 0.40 -33.19
C THR B 235 37.48 0.74 -31.70
N VAL B 236 38.02 -0.16 -30.89
CA VAL B 236 38.10 0.04 -29.45
C VAL B 236 39.55 0.00 -29.00
N ASN B 237 39.94 0.90 -28.10
CA ASN B 237 41.31 0.96 -27.60
C ASN B 237 41.45 0.78 -26.08
N CYS B 238 42.10 -0.30 -25.61
CA CYS B 238 42.31 -0.49 -24.16
C CYS B 238 43.43 0.49 -23.85
N GLU B 239 43.59 0.85 -22.59
CA GLU B 239 44.66 1.79 -22.21
C GLU B 239 46.01 1.10 -22.38
N ASP B 240 46.01 -0.22 -22.28
CA ASP B 240 47.26 -0.97 -22.43
C ASP B 240 47.70 -1.08 -23.89
N GLY B 241 47.34 -0.06 -24.67
CA GLY B 241 47.72 -0.04 -26.07
C GLY B 241 47.01 -0.93 -27.06
N THR B 242 46.50 -2.08 -26.62
CA THR B 242 45.82 -2.99 -27.54
C THR B 242 44.65 -2.32 -28.27
N VAL B 243 44.42 -2.77 -29.50
CA VAL B 243 43.35 -2.25 -30.35
C VAL B 243 42.49 -3.41 -30.86
N TYR B 244 41.19 -3.18 -30.97
CA TYR B 244 40.29 -4.22 -31.43
C TYR B 244 39.32 -3.72 -32.47
N ASN B 245 38.77 -4.66 -33.24
CA ASN B 245 37.82 -4.36 -34.28
C ASN B 245 36.60 -5.22 -34.00
N ALA B 246 35.41 -4.68 -34.18
CA ALA B 246 34.22 -5.46 -33.91
C ALA B 246 33.03 -4.95 -34.68
N ASP B 247 32.11 -5.85 -34.95
CA ASP B 247 30.90 -5.52 -35.67
C ASP B 247 29.99 -4.73 -34.73
N TYR B 248 30.03 -5.09 -33.45
CA TYR B 248 29.21 -4.43 -32.43
C TYR B 248 29.90 -4.28 -31.09
N VAL B 249 29.43 -3.32 -30.31
CA VAL B 249 29.96 -3.08 -28.97
C VAL B 249 28.79 -2.76 -28.06
N ILE B 250 28.85 -3.28 -26.85
CA ILE B 250 27.81 -3.03 -25.85
C ILE B 250 28.52 -2.33 -24.71
N ILE B 251 28.23 -1.06 -24.53
CA ILE B 251 28.84 -0.24 -23.49
C ILE B 251 27.97 -0.34 -22.23
N THR B 252 28.56 -0.81 -21.13
CA THR B 252 27.80 -0.96 -19.88
C THR B 252 28.38 -0.18 -18.70
N VAL B 253 29.22 0.81 -18.96
CA VAL B 253 29.81 1.59 -17.90
C VAL B 253 28.73 2.45 -17.26
N PRO B 254 28.85 2.73 -15.95
CA PRO B 254 27.89 3.55 -15.20
C PRO B 254 27.55 4.85 -15.91
N GLN B 255 26.33 5.31 -15.70
CA GLN B 255 25.86 6.56 -16.29
C GLN B 255 26.83 7.69 -15.91
N SER B 256 27.35 7.62 -14.69
CA SER B 256 28.31 8.62 -14.18
C SER B 256 29.63 8.59 -14.94
N VAL B 257 30.10 7.40 -15.30
CA VAL B 257 31.35 7.29 -16.04
C VAL B 257 31.10 7.76 -17.46
N LEU B 258 29.99 7.32 -18.03
CA LEU B 258 29.65 7.70 -19.39
C LEU B 258 29.46 9.21 -19.49
N ASN B 259 29.06 9.86 -18.41
CA ASN B 259 28.84 11.30 -18.44
C ASN B 259 30.13 12.02 -18.80
N LEU B 260 31.23 11.47 -18.30
CA LEU B 260 32.56 12.04 -18.52
C LEU B 260 32.83 12.24 -20.00
N SER B 261 32.10 11.50 -20.83
CA SER B 261 32.31 11.59 -22.27
C SER B 261 31.80 12.88 -22.88
N VAL B 262 30.75 13.46 -22.30
CA VAL B 262 30.20 14.70 -22.86
C VAL B 262 30.86 15.95 -22.32
N GLN B 263 32.06 15.79 -21.76
CA GLN B 263 32.81 16.91 -21.22
C GLN B 263 34.25 16.93 -21.71
N PRO B 264 34.87 18.13 -21.75
CA PRO B 264 36.25 18.29 -22.20
C PRO B 264 37.24 17.70 -21.19
N GLU B 265 38.38 17.24 -21.70
CA GLU B 265 39.45 16.61 -20.91
C GLU B 265 39.28 15.10 -21.02
N LYS B 266 40.24 14.45 -21.65
CA LYS B 266 40.19 13.01 -21.87
C LYS B 266 40.95 12.17 -20.86
N ASN B 267 41.81 12.78 -20.06
CA ASN B 267 42.60 12.00 -19.11
C ASN B 267 41.91 11.74 -17.77
N LEU B 268 40.64 11.36 -17.83
CA LEU B 268 39.88 11.05 -16.63
C LEU B 268 39.74 9.54 -16.59
N ARG B 269 40.06 8.93 -15.45
CA ARG B 269 39.96 7.48 -15.30
C ARG B 269 38.55 6.99 -15.65
N GLY B 270 38.48 6.02 -16.55
CA GLY B 270 37.20 5.46 -16.95
C GLY B 270 36.51 6.14 -18.12
N ARG B 271 36.89 7.38 -18.40
CA ARG B 271 36.27 8.11 -19.51
C ARG B 271 36.55 7.49 -20.87
N ILE B 272 35.52 7.46 -21.72
CA ILE B 272 35.66 6.93 -23.06
C ILE B 272 35.45 8.05 -24.07
N GLU B 273 36.40 8.20 -24.99
CA GLU B 273 36.33 9.21 -26.03
C GLU B 273 35.56 8.58 -27.19
N PHE B 274 34.42 9.17 -27.53
CA PHE B 274 33.60 8.65 -28.63
C PHE B 274 33.81 9.47 -29.91
N GLN B 275 34.02 8.75 -31.02
CA GLN B 275 34.21 9.38 -32.33
C GLN B 275 33.40 8.62 -33.37
N PRO B 276 32.33 9.24 -33.88
CA PRO B 276 31.87 10.58 -33.51
C PRO B 276 31.33 10.65 -32.07
N PRO B 277 31.32 11.86 -31.48
CA PRO B 277 30.82 12.04 -30.10
C PRO B 277 29.39 11.55 -29.99
N LEU B 278 28.98 11.22 -28.77
CA LEU B 278 27.63 10.73 -28.53
C LEU B 278 26.60 11.70 -29.07
N LYS B 279 25.55 11.18 -29.71
CA LYS B 279 24.50 12.01 -30.28
C LYS B 279 23.89 12.97 -29.26
N PRO B 280 23.42 14.16 -29.73
CA PRO B 280 22.82 15.16 -28.84
C PRO B 280 21.70 14.66 -27.93
N VAL B 281 20.92 13.70 -28.41
CA VAL B 281 19.84 13.16 -27.61
C VAL B 281 20.37 12.47 -26.35
N ILE B 282 21.55 11.86 -26.48
CA ILE B 282 22.19 11.17 -25.37
C ILE B 282 22.86 12.22 -24.49
N GLN B 283 23.68 13.06 -25.12
CA GLN B 283 24.34 14.15 -24.43
C GLN B 283 23.34 14.90 -23.53
N ASP B 284 22.28 15.40 -24.17
CA ASP B 284 21.23 16.18 -23.51
C ASP B 284 20.48 15.41 -22.43
N ALA B 285 20.44 14.08 -22.51
CA ALA B 285 19.72 13.31 -21.49
C ALA B 285 20.40 13.39 -20.11
N PHE B 286 21.69 13.73 -20.10
CA PHE B 286 22.45 13.83 -18.85
C PHE B 286 22.03 15.01 -17.98
N ASP B 287 21.34 15.98 -18.58
CA ASP B 287 20.88 17.12 -17.80
C ASP B 287 19.55 16.81 -17.15
N LYS B 288 18.96 15.68 -17.51
CA LYS B 288 17.65 15.28 -16.99
C LYS B 288 17.64 14.06 -16.08
N ILE B 289 18.80 13.67 -15.56
CA ILE B 289 18.88 12.53 -14.66
C ILE B 289 20.21 12.62 -13.96
N HIS B 290 20.28 12.15 -12.72
CA HIS B 290 21.53 12.24 -12.00
C HIS B 290 21.95 10.97 -11.29
N PHE B 291 22.86 11.09 -10.34
CA PHE B 291 23.38 9.93 -9.65
C PHE B 291 23.32 10.08 -8.14
N GLY B 292 22.84 9.03 -7.48
CA GLY B 292 22.74 9.06 -6.02
C GLY B 292 23.95 8.42 -5.38
N ALA B 293 24.07 8.56 -4.05
CA ALA B 293 25.21 7.97 -3.35
C ALA B 293 24.88 7.13 -2.13
N LEU B 294 24.29 5.97 -2.36
CA LEU B 294 23.98 5.06 -1.27
C LEU B 294 25.31 4.41 -0.88
N GLY B 295 25.60 4.37 0.42
CA GLY B 295 26.84 3.77 0.86
C GLY B 295 26.57 2.77 1.96
N LYS B 296 27.56 1.94 2.28
CA LYS B 296 27.41 0.94 3.33
C LYS B 296 28.55 0.92 4.33
N VAL B 297 28.20 0.55 5.56
CA VAL B 297 29.15 0.43 6.65
C VAL B 297 28.86 -0.91 7.33
N ILE B 298 29.85 -1.79 7.43
CA ILE B 298 29.63 -3.07 8.07
C ILE B 298 30.19 -3.08 9.49
N PHE B 299 29.31 -3.13 10.48
CA PHE B 299 29.75 -3.18 11.86
C PHE B 299 29.79 -4.63 12.32
N GLU B 300 31.02 -5.14 12.48
CA GLU B 300 31.24 -6.52 12.91
C GLU B 300 31.56 -6.61 14.41
N PHE B 301 30.76 -7.39 15.13
CA PHE B 301 30.98 -7.55 16.56
C PHE B 301 31.47 -8.96 16.87
N GLU B 302 32.08 -9.11 18.04
CA GLU B 302 32.58 -10.41 18.47
C GLU B 302 31.46 -11.44 18.49
N GLU B 303 30.44 -11.19 19.29
CA GLU B 303 29.31 -12.11 19.37
C GLU B 303 27.99 -11.38 19.53
N CYS B 304 26.90 -12.07 19.24
CA CYS B 304 25.58 -11.47 19.36
C CYS B 304 25.05 -11.47 20.77
N CYS B 305 24.94 -10.29 21.36
CA CYS B 305 24.43 -10.12 22.71
C CYS B 305 23.38 -9.01 22.74
N TRP B 306 22.43 -9.09 21.81
CA TRP B 306 21.34 -8.12 21.71
C TRP B 306 20.11 -8.85 21.22
N SER B 307 18.93 -8.27 21.45
CA SER B 307 17.67 -8.88 21.03
C SER B 307 17.56 -9.03 19.52
N ASN B 308 17.08 -10.19 19.07
CA ASN B 308 16.89 -10.43 17.65
C ASN B 308 15.41 -10.40 17.28
N GLU B 309 14.70 -9.42 17.83
CA GLU B 309 13.27 -9.25 17.56
C GLU B 309 13.10 -9.03 16.06
N SER B 310 13.94 -8.18 15.48
CA SER B 310 13.85 -7.90 14.06
C SER B 310 15.20 -7.70 13.40
N SER B 311 15.23 -7.81 12.08
CA SER B 311 16.46 -7.62 11.33
C SER B 311 16.50 -6.24 10.64
N LYS B 312 15.46 -5.44 10.87
CA LYS B 312 15.35 -4.10 10.28
C LYS B 312 15.24 -3.02 11.37
N ILE B 313 16.21 -2.11 11.39
CA ILE B 313 16.20 -1.03 12.38
C ILE B 313 16.56 0.28 11.71
N VAL B 314 15.76 1.31 11.96
CA VAL B 314 16.02 2.63 11.38
C VAL B 314 16.15 3.65 12.51
N THR B 315 17.25 4.38 12.53
CA THR B 315 17.41 5.40 13.55
C THR B 315 16.99 6.75 12.96
N LEU B 316 16.00 7.39 13.58
CA LEU B 316 15.51 8.68 13.09
C LEU B 316 16.46 9.83 13.43
N ALA B 317 16.45 10.88 12.61
CA ALA B 317 17.32 12.02 12.86
C ALA B 317 16.65 12.80 13.99
N ASN B 318 17.33 13.79 14.53
CA ASN B 318 16.72 14.57 15.59
C ASN B 318 15.61 15.46 15.10
N SER B 319 14.61 15.62 15.94
CA SER B 319 13.47 16.49 15.67
C SER B 319 13.30 17.37 16.91
N THR B 320 12.47 18.41 16.81
CA THR B 320 12.27 19.30 17.94
C THR B 320 10.83 19.76 18.04
N ASN B 321 10.39 20.10 19.26
CA ASN B 321 9.03 20.57 19.46
C ASN B 321 8.85 21.94 18.81
N GLU B 322 9.97 22.61 18.58
CA GLU B 322 9.97 23.92 17.93
C GLU B 322 9.39 23.81 16.53
N PHE B 323 9.78 22.74 15.83
CA PHE B 323 9.29 22.45 14.48
C PHE B 323 7.75 22.33 14.52
N VAL B 324 7.23 21.59 15.49
CA VAL B 324 5.79 21.42 15.63
C VAL B 324 5.10 22.78 15.73
N GLU B 325 5.68 23.63 16.58
CA GLU B 325 5.15 24.99 16.78
C GLU B 325 5.14 25.74 15.47
N ILE B 326 6.22 25.64 14.69
CA ILE B 326 6.26 26.33 13.41
C ILE B 326 5.20 25.82 12.46
N VAL B 327 4.96 24.50 12.48
CA VAL B 327 3.93 23.94 11.59
C VAL B 327 2.55 24.40 12.02
N ARG B 328 2.32 24.45 13.33
CA ARG B 328 1.04 24.91 13.88
C ARG B 328 0.76 26.38 13.50
N ASN B 329 1.80 27.21 13.51
CA ASN B 329 1.65 28.64 13.22
C ASN B 329 1.83 29.11 11.77
N ALA B 330 2.34 28.24 10.90
CA ALA B 330 2.52 28.64 9.50
C ALA B 330 1.19 28.87 8.80
N GLU B 331 1.11 29.93 8.00
CA GLU B 331 -0.12 30.26 7.27
C GLU B 331 -0.18 29.57 5.91
N ASN B 332 0.98 29.35 5.29
CA ASN B 332 1.06 28.70 4.00
C ASN B 332 2.44 28.14 3.79
N LEU B 333 2.64 27.40 2.70
CA LEU B 333 3.94 26.80 2.41
C LEU B 333 5.04 27.86 2.37
N ASP B 334 4.71 29.05 1.91
CA ASP B 334 5.68 30.15 1.82
C ASP B 334 6.21 30.56 3.19
N GLU B 335 5.31 30.74 4.15
CA GLU B 335 5.71 31.13 5.50
C GLU B 335 6.49 30.03 6.21
N LEU B 336 6.05 28.77 6.05
CA LEU B 336 6.73 27.64 6.69
C LEU B 336 8.19 27.62 6.28
N ASP B 337 8.43 27.93 4.99
CA ASP B 337 9.80 27.98 4.48
C ASP B 337 10.57 29.07 5.21
N SER B 338 10.00 30.27 5.26
CA SER B 338 10.63 31.39 5.95
C SER B 338 10.90 31.03 7.40
N MET B 339 9.88 30.59 8.13
CA MET B 339 10.04 30.21 9.53
C MET B 339 11.01 29.04 9.73
N LEU B 340 11.02 28.09 8.80
CA LEU B 340 11.90 26.94 8.94
C LEU B 340 13.38 27.29 8.87
N GLU B 341 13.71 28.34 8.11
CA GLU B 341 15.09 28.78 8.01
C GLU B 341 15.45 29.38 9.36
N ARG B 342 15.67 28.50 10.34
CA ARG B 342 16.01 28.91 11.70
C ARG B 342 17.44 28.47 12.01
N GLU B 343 18.30 29.43 12.32
CA GLU B 343 19.70 29.17 12.63
C GLU B 343 19.94 29.10 14.14
N THR B 349 25.53 22.59 15.32
CA THR B 349 25.74 23.10 13.97
C THR B 349 26.50 22.11 13.06
N SER B 350 27.16 21.13 13.65
CA SER B 350 27.90 20.14 12.87
C SER B 350 27.10 18.89 12.53
N VAL B 351 27.65 18.06 11.63
CA VAL B 351 26.99 16.83 11.21
C VAL B 351 27.33 15.63 12.09
N THR B 352 26.33 15.06 12.74
CA THR B 352 26.55 13.91 13.62
C THR B 352 25.74 12.70 13.14
N CYS B 353 25.99 11.55 13.76
CA CYS B 353 25.26 10.34 13.39
C CYS B 353 23.75 10.52 13.55
N TRP B 354 23.32 11.65 14.11
CA TRP B 354 21.90 11.92 14.31
C TRP B 354 21.42 13.04 13.39
N SER B 355 22.24 13.45 12.43
CA SER B 355 21.84 14.51 11.54
C SER B 355 20.94 14.03 10.39
N GLN B 356 20.89 12.70 10.19
CA GLN B 356 20.09 12.09 9.14
C GLN B 356 19.72 10.66 9.54
N PRO B 357 18.67 10.08 8.93
CA PRO B 357 18.30 8.72 9.29
C PRO B 357 19.37 7.76 8.82
N LEU B 358 19.45 6.60 9.48
CA LEU B 358 20.40 5.58 9.10
C LEU B 358 19.61 4.30 9.14
N PHE B 359 19.91 3.38 8.23
CA PHE B 359 19.18 2.13 8.15
C PHE B 359 20.09 0.95 8.47
N PHE B 360 19.78 0.27 9.57
CA PHE B 360 20.57 -0.89 10.01
C PHE B 360 19.91 -2.23 9.74
N VAL B 361 20.72 -3.18 9.27
CA VAL B 361 20.25 -4.53 9.01
C VAL B 361 20.90 -5.43 10.05
N ASN B 362 20.11 -5.95 10.97
CA ASN B 362 20.63 -6.83 12.02
C ASN B 362 20.79 -8.23 11.43
N LEU B 363 21.96 -8.51 10.86
CA LEU B 363 22.21 -9.81 10.22
C LEU B 363 22.16 -10.98 11.18
N SER B 364 22.23 -10.69 12.48
CA SER B 364 22.19 -11.75 13.45
C SER B 364 20.91 -12.57 13.28
N LYS B 365 19.77 -11.90 13.19
CA LYS B 365 18.51 -12.61 13.06
C LYS B 365 18.26 -13.30 11.72
N SER B 366 18.72 -12.70 10.64
CA SER B 366 18.48 -13.26 9.31
C SER B 366 19.54 -14.22 8.79
N THR B 367 20.78 -14.06 9.22
CA THR B 367 21.85 -14.95 8.75
C THR B 367 22.63 -15.59 9.89
N GLY B 368 22.41 -15.10 11.11
CA GLY B 368 23.11 -15.64 12.25
C GLY B 368 24.46 -14.99 12.52
N VAL B 369 24.87 -14.06 11.65
CA VAL B 369 26.15 -13.38 11.81
C VAL B 369 26.04 -12.15 12.71
N ALA B 370 26.86 -12.09 13.75
CA ALA B 370 26.87 -10.97 14.69
C ALA B 370 27.43 -9.70 14.07
N SER B 371 26.74 -9.19 13.06
CA SER B 371 27.16 -7.99 12.36
C SER B 371 25.96 -7.15 11.99
N PHE B 372 26.21 -5.88 11.67
CA PHE B 372 25.16 -4.97 11.26
C PHE B 372 25.51 -4.36 9.90
N MET B 373 24.57 -4.40 8.96
CA MET B 373 24.79 -3.78 7.66
C MET B 373 24.04 -2.46 7.73
N MET B 374 24.75 -1.35 7.57
CA MET B 374 24.13 -0.03 7.64
C MET B 374 24.18 0.73 6.32
N LEU B 375 23.04 1.32 5.95
CA LEU B 375 22.95 2.09 4.73
C LEU B 375 22.92 3.58 5.04
N MET B 376 23.63 4.37 4.23
CA MET B 376 23.68 5.81 4.40
C MET B 376 23.41 6.46 3.05
N GLN B 377 23.03 7.73 3.09
CA GLN B 377 22.69 8.46 1.87
C GLN B 377 23.58 9.66 1.68
N ALA B 378 23.47 10.27 0.49
CA ALA B 378 24.22 11.47 0.16
C ALA B 378 23.52 12.58 0.92
N PRO B 379 24.27 13.57 1.47
CA PRO B 379 25.73 13.73 1.43
C PRO B 379 26.57 12.98 2.47
N LEU B 380 25.94 12.39 3.48
CA LEU B 380 26.71 11.69 4.51
C LEU B 380 27.66 10.66 3.92
N THR B 381 27.17 9.91 2.94
CA THR B 381 27.95 8.86 2.29
C THR B 381 29.29 9.36 1.79
N ASN B 382 29.28 10.55 1.18
CA ASN B 382 30.49 11.12 0.62
C ASN B 382 31.51 11.49 1.70
N HIS B 383 31.04 11.98 2.84
CA HIS B 383 31.94 12.34 3.93
C HIS B 383 32.47 11.10 4.64
N ILE B 384 31.61 10.12 4.86
CA ILE B 384 32.02 8.92 5.56
C ILE B 384 33.00 8.10 4.74
N GLU B 385 32.75 7.96 3.45
CA GLU B 385 33.66 7.21 2.59
C GLU B 385 35.01 7.94 2.46
N SER B 386 35.00 9.27 2.53
CA SER B 386 36.25 10.02 2.42
C SER B 386 37.18 9.74 3.60
N ILE B 387 36.62 9.41 4.76
CA ILE B 387 37.42 9.09 5.94
C ILE B 387 37.32 7.60 6.24
N ARG B 388 37.09 6.82 5.19
CA ARG B 388 36.94 5.36 5.29
C ARG B 388 38.10 4.66 6.00
N GLU B 389 39.24 5.34 6.09
CA GLU B 389 40.43 4.75 6.69
C GLU B 389 40.59 4.93 8.19
N ASP B 390 40.06 6.03 8.70
CA ASP B 390 40.16 6.36 10.12
C ASP B 390 39.11 5.61 10.92
N LYS B 391 39.42 4.36 11.28
CA LYS B 391 38.50 3.54 12.05
C LYS B 391 38.15 4.17 13.39
N GLU B 392 39.14 4.75 14.06
CA GLU B 392 38.91 5.41 15.36
C GLU B 392 37.83 6.45 15.24
N ARG B 393 37.98 7.31 14.23
CA ARG B 393 37.03 8.38 13.98
C ARG B 393 35.65 7.85 13.56
N LEU B 394 35.63 6.74 12.83
CA LEU B 394 34.38 6.13 12.39
C LEU B 394 33.59 5.64 13.59
N PHE B 395 34.29 5.03 14.55
CA PHE B 395 33.65 4.52 15.75
C PHE B 395 33.08 5.67 16.57
N SER B 396 33.83 6.76 16.69
CA SER B 396 33.36 7.92 17.43
C SER B 396 32.08 8.44 16.81
N PHE B 397 32.06 8.50 15.47
CA PHE B 397 30.91 9.01 14.75
C PHE B 397 29.66 8.16 14.96
N PHE B 398 29.78 6.85 14.78
CA PHE B 398 28.65 5.93 14.92
C PHE B 398 28.46 5.33 16.32
N GLN B 399 29.22 5.81 17.30
CA GLN B 399 29.14 5.29 18.66
C GLN B 399 27.80 5.61 19.33
N PRO B 400 27.39 6.88 19.29
CA PRO B 400 26.11 7.19 19.92
C PRO B 400 24.89 6.44 19.37
N VAL B 401 24.78 6.25 18.06
CA VAL B 401 23.63 5.52 17.54
C VAL B 401 23.80 4.02 17.75
N LEU B 402 25.05 3.54 17.73
CA LEU B 402 25.27 2.11 17.96
C LEU B 402 24.82 1.81 19.38
N ASN B 403 25.14 2.71 20.31
CA ASN B 403 24.75 2.51 21.70
C ASN B 403 23.24 2.52 21.82
N LYS B 404 22.62 3.60 21.34
CA LYS B 404 21.17 3.73 21.40
C LYS B 404 20.47 2.47 20.89
N ILE B 405 21.05 1.81 19.91
CA ILE B 405 20.44 0.60 19.36
C ILE B 405 20.52 -0.52 20.40
N MET B 406 21.72 -0.71 20.95
CA MET B 406 21.95 -1.75 21.95
C MET B 406 21.03 -1.58 23.16
N LYS B 407 20.80 -0.33 23.55
CA LYS B 407 19.92 -0.02 24.66
C LYS B 407 18.54 -0.60 24.31
N CYS B 408 17.97 -0.08 23.22
CA CYS B 408 16.65 -0.51 22.74
C CYS B 408 16.54 -1.99 22.47
N LEU B 409 17.67 -2.64 22.24
CA LEU B 409 17.70 -4.07 21.97
C LEU B 409 18.17 -4.84 23.21
N ASP B 410 18.08 -4.18 24.36
CA ASP B 410 18.48 -4.77 25.64
C ASP B 410 19.96 -5.15 25.72
N SER B 411 20.82 -4.16 25.84
CA SER B 411 22.25 -4.40 25.93
C SER B 411 22.93 -3.14 26.44
N GLU B 412 24.23 -3.23 26.68
CA GLU B 412 24.99 -2.11 27.19
C GLU B 412 25.76 -1.44 26.05
N ASP B 413 26.33 -0.29 26.35
CA ASP B 413 27.11 0.47 25.37
C ASP B 413 28.15 -0.42 24.69
N VAL B 414 28.48 -0.06 23.45
CA VAL B 414 29.44 -0.82 22.67
C VAL B 414 30.89 -0.62 23.11
N ILE B 415 31.68 -1.70 23.05
CA ILE B 415 33.08 -1.68 23.42
C ILE B 415 33.98 -1.76 22.18
N ASP B 416 34.93 -0.83 22.08
CA ASP B 416 35.86 -0.76 20.95
C ASP B 416 36.96 -1.81 20.99
N GLY B 417 36.66 -3.00 20.50
CA GLY B 417 37.65 -4.06 20.48
C GLY B 417 38.23 -4.21 19.08
N MET B 418 38.48 -3.08 18.42
CA MET B 418 39.02 -3.10 17.06
C MET B 418 40.50 -3.41 16.93
N ARG B 419 41.23 -3.43 18.04
CA ARG B 419 42.66 -3.72 18.00
C ARG B 419 43.02 -4.81 18.99
N ALA B 427 31.57 -10.79 27.22
CA ALA B 427 30.67 -11.76 27.79
C ALA B 427 29.27 -11.22 27.99
N ASN B 428 29.16 -9.93 28.28
CA ASN B 428 27.86 -9.31 28.49
C ASN B 428 27.78 -7.95 27.81
N LYS B 429 28.89 -7.55 27.18
CA LYS B 429 28.94 -6.27 26.48
C LYS B 429 29.37 -6.51 25.02
N PRO B 430 28.67 -5.88 24.06
CA PRO B 430 28.99 -6.04 22.64
C PRO B 430 30.37 -5.49 22.26
N VAL B 431 31.21 -6.35 21.70
CA VAL B 431 32.56 -5.94 21.30
C VAL B 431 32.71 -5.78 19.80
N LEU B 432 32.99 -4.55 19.37
CA LEU B 432 33.16 -4.22 17.96
C LEU B 432 34.58 -4.60 17.52
N ARG B 433 34.68 -5.51 16.55
CA ARG B 433 35.97 -5.95 16.05
C ARG B 433 36.42 -5.20 14.80
N ASN B 434 35.55 -5.12 13.81
CA ASN B 434 35.92 -4.47 12.56
C ASN B 434 34.84 -3.55 11.98
N ILE B 435 35.27 -2.61 11.15
CA ILE B 435 34.36 -1.70 10.47
C ILE B 435 34.76 -1.62 9.00
N ILE B 436 33.88 -2.10 8.13
CA ILE B 436 34.12 -2.08 6.69
C ILE B 436 33.29 -0.94 6.09
N VAL B 437 33.82 -0.29 5.06
CA VAL B 437 33.11 0.83 4.42
C VAL B 437 33.18 0.81 2.91
N SER B 438 32.05 1.09 2.26
CA SER B 438 31.99 1.13 0.80
C SER B 438 32.90 2.25 0.27
N ASN B 439 33.21 2.19 -1.03
CA ASN B 439 34.08 3.19 -1.64
C ASN B 439 33.59 3.60 -3.03
N TRP B 440 32.29 3.44 -3.29
CA TRP B 440 31.72 3.74 -4.60
C TRP B 440 31.82 5.16 -5.13
N THR B 441 31.75 6.15 -4.24
CA THR B 441 31.85 7.54 -4.71
C THR B 441 33.27 7.92 -5.09
N ARG B 442 34.26 7.30 -4.46
CA ARG B 442 35.67 7.63 -4.75
C ARG B 442 36.30 6.73 -5.84
N ASP B 443 35.64 5.62 -6.16
CA ASP B 443 36.11 4.70 -7.19
C ASP B 443 35.77 5.26 -8.59
N PRO B 444 36.80 5.52 -9.42
CA PRO B 444 36.62 6.07 -10.78
C PRO B 444 35.78 5.27 -11.77
N TYR B 445 35.61 3.99 -11.50
CA TYR B 445 34.83 3.14 -12.39
C TYR B 445 33.44 2.94 -11.81
N SER B 446 33.11 3.79 -10.85
CA SER B 446 31.86 3.75 -10.13
C SER B 446 31.27 5.16 -10.08
N ARG B 447 31.99 6.06 -9.40
CA ARG B 447 31.61 7.46 -9.24
C ARG B 447 30.16 7.58 -8.78
N GLY B 448 29.83 6.82 -7.73
CA GLY B 448 28.48 6.86 -7.20
C GLY B 448 27.87 5.49 -7.08
N ALA B 449 26.61 5.43 -6.68
CA ALA B 449 25.92 4.17 -6.51
C ALA B 449 25.06 3.78 -7.72
N TYR B 450 24.12 4.64 -8.10
CA TYR B 450 23.24 4.37 -9.24
C TYR B 450 22.37 5.56 -9.60
N SER B 451 21.72 5.48 -10.76
CA SER B 451 20.88 6.58 -11.24
C SER B 451 19.80 6.98 -10.24
N ALA B 452 19.63 8.29 -10.07
CA ALA B 452 18.65 8.85 -9.14
C ALA B 452 18.11 10.18 -9.67
N CYS B 453 16.90 10.53 -9.25
CA CYS B 453 16.29 11.77 -9.72
C CYS B 453 16.29 12.94 -8.75
N PHE B 454 16.81 14.07 -9.22
CA PHE B 454 16.81 15.28 -8.45
C PHE B 454 15.46 15.86 -8.90
N PRO B 455 14.89 16.82 -8.15
CA PRO B 455 13.59 17.33 -8.64
C PRO B 455 13.73 17.96 -10.04
N GLY B 456 12.84 17.54 -10.94
CA GLY B 456 12.86 18.03 -12.31
C GLY B 456 13.34 16.97 -13.30
N ASP B 457 13.95 15.91 -12.77
CA ASP B 457 14.47 14.84 -13.61
C ASP B 457 13.41 13.96 -14.25
N ASP B 458 13.71 13.56 -15.48
CA ASP B 458 12.82 12.69 -16.23
C ASP B 458 13.68 11.53 -16.69
N PRO B 459 13.75 10.45 -15.90
CA PRO B 459 14.55 9.28 -16.24
C PRO B 459 14.28 8.74 -17.65
N VAL B 460 13.07 8.95 -18.14
CA VAL B 460 12.71 8.45 -19.46
C VAL B 460 13.61 8.93 -20.60
N ASP B 461 14.07 10.18 -20.55
CA ASP B 461 14.95 10.66 -21.62
C ASP B 461 16.17 9.77 -21.78
N MET B 462 16.80 9.42 -20.65
CA MET B 462 18.00 8.58 -20.68
C MET B 462 17.71 7.15 -21.14
N VAL B 463 16.69 6.52 -20.58
CA VAL B 463 16.33 5.16 -20.96
C VAL B 463 16.06 5.03 -22.45
N VAL B 464 15.41 6.05 -23.02
CA VAL B 464 15.10 6.08 -24.45
C VAL B 464 16.35 6.24 -25.32
N ALA B 465 17.19 7.20 -24.99
CA ALA B 465 18.40 7.43 -25.76
C ALA B 465 19.40 6.27 -25.66
N MET B 466 19.44 5.63 -24.49
CA MET B 466 20.36 4.51 -24.28
C MET B 466 19.96 3.26 -25.06
N SER B 467 18.72 2.82 -24.93
CA SER B 467 18.25 1.62 -25.61
C SER B 467 18.11 1.73 -27.13
N ASN B 468 18.22 2.95 -27.65
CA ASN B 468 18.15 3.16 -29.11
C ASN B 468 19.56 3.23 -29.69
N GLY B 469 20.54 3.09 -28.81
CA GLY B 469 21.94 3.11 -29.22
C GLY B 469 22.47 4.40 -29.85
N GLN B 470 23.80 4.49 -29.92
CA GLN B 470 24.47 5.63 -30.53
C GLN B 470 24.17 5.49 -32.02
N ASP B 471 24.08 4.24 -32.44
CA ASP B 471 23.76 3.85 -33.81
C ASP B 471 23.62 2.32 -33.85
N SER B 472 23.33 1.77 -35.03
CA SER B 472 23.14 0.33 -35.17
C SER B 472 24.22 -0.56 -34.57
N ARG B 473 25.45 -0.07 -34.54
CA ARG B 473 26.56 -0.86 -34.02
C ARG B 473 26.99 -0.57 -32.58
N ILE B 474 26.77 0.65 -32.13
CA ILE B 474 27.18 1.04 -30.78
C ILE B 474 25.99 1.10 -29.82
N ARG B 475 25.89 0.09 -28.97
CA ARG B 475 24.78 -0.03 -28.03
C ARG B 475 25.11 0.19 -26.56
N PHE B 476 24.07 0.33 -25.74
CA PHE B 476 24.26 0.53 -24.32
C PHE B 476 23.42 -0.43 -23.47
N ALA B 477 24.00 -0.87 -22.36
CA ALA B 477 23.32 -1.74 -21.42
C ALA B 477 23.70 -1.20 -20.04
N GLY B 478 23.00 -1.65 -19.00
CA GLY B 478 23.27 -1.18 -17.65
C GLY B 478 21.98 -0.75 -16.94
N GLU B 479 22.03 -0.63 -15.62
CA GLU B 479 20.86 -0.26 -14.82
C GLU B 479 20.18 1.07 -15.21
N HIS B 480 20.95 1.97 -15.80
CA HIS B 480 20.43 3.27 -16.23
C HIS B 480 19.90 3.25 -17.65
N THR B 481 19.88 2.07 -18.28
CA THR B 481 19.44 1.97 -19.67
C THR B 481 18.10 1.28 -19.90
N ILE B 482 17.31 1.11 -18.85
CA ILE B 482 16.04 0.41 -18.99
C ILE B 482 15.00 0.85 -17.97
N MET B 483 13.72 0.71 -18.35
CA MET B 483 12.60 1.11 -17.51
C MET B 483 12.32 0.18 -16.33
N ASP B 484 11.78 -1.00 -16.62
CA ASP B 484 11.47 -1.93 -15.55
C ASP B 484 12.73 -2.45 -14.87
N GLY B 485 12.82 -2.16 -13.57
CA GLY B 485 13.98 -2.58 -12.80
C GLY B 485 15.11 -1.57 -12.88
N ALA B 486 14.81 -0.37 -13.34
CA ALA B 486 15.82 0.68 -13.43
C ALA B 486 16.49 0.80 -12.06
N GLY B 487 17.81 0.98 -12.06
CA GLY B 487 18.54 1.12 -10.81
C GLY B 487 18.81 -0.20 -10.12
N CYS B 488 18.10 -1.26 -10.50
CA CYS B 488 18.29 -2.56 -9.86
C CYS B 488 19.24 -3.53 -10.59
N ALA B 489 19.76 -4.50 -9.85
CA ALA B 489 20.65 -5.49 -10.41
C ALA B 489 19.92 -6.25 -11.52
N TYR B 490 18.65 -6.59 -11.27
CA TYR B 490 17.91 -7.33 -12.27
C TYR B 490 17.58 -6.53 -13.52
N GLY B 491 17.48 -5.21 -13.39
CA GLY B 491 17.21 -4.40 -14.57
C GLY B 491 18.47 -4.35 -15.43
N ALA B 492 19.62 -4.28 -14.78
CA ALA B 492 20.90 -4.25 -15.50
C ALA B 492 21.03 -5.57 -16.27
N TRP B 493 20.65 -6.65 -15.59
CA TRP B 493 20.67 -7.99 -16.15
C TRP B 493 19.81 -8.02 -17.41
N GLU B 494 18.55 -7.63 -17.30
CA GLU B 494 17.66 -7.64 -18.45
C GLU B 494 18.20 -6.81 -19.61
N SER B 495 18.80 -5.66 -19.30
CA SER B 495 19.35 -4.80 -20.34
C SER B 495 20.47 -5.54 -21.07
N GLY B 496 21.21 -6.36 -20.33
CA GLY B 496 22.27 -7.11 -20.95
C GLY B 496 21.66 -8.08 -21.94
N ARG B 497 20.63 -8.78 -21.49
CA ARG B 497 19.92 -9.75 -22.32
C ARG B 497 19.28 -9.08 -23.52
N ARG B 498 18.80 -7.85 -23.33
CA ARG B 498 18.17 -7.10 -24.42
C ARG B 498 19.12 -6.81 -25.57
N GLU B 499 20.29 -6.27 -25.26
CA GLU B 499 21.24 -5.93 -26.30
C GLU B 499 21.88 -7.12 -26.99
N ALA B 500 22.10 -8.20 -26.25
CA ALA B 500 22.72 -9.39 -26.82
C ALA B 500 21.75 -10.10 -27.78
N THR B 501 20.47 -10.05 -27.45
CA THR B 501 19.46 -10.68 -28.28
C THR B 501 19.33 -9.96 -29.63
N ARG B 502 19.23 -8.63 -29.58
CA ARG B 502 19.11 -7.85 -30.80
C ARG B 502 20.28 -8.15 -31.74
N ILE B 503 21.49 -8.24 -31.17
CA ILE B 503 22.69 -8.51 -31.97
C ILE B 503 22.77 -9.96 -32.47
N SER B 504 22.34 -10.90 -31.64
CA SER B 504 22.37 -12.31 -32.06
C SER B 504 21.50 -12.47 -33.30
N ASP B 505 20.32 -11.85 -33.27
CA ASP B 505 19.41 -11.93 -34.40
C ASP B 505 20.05 -11.33 -35.65
N LEU B 506 20.50 -10.10 -35.54
CA LEU B 506 21.14 -9.43 -36.67
C LEU B 506 22.23 -10.31 -37.29
N LEU B 507 23.18 -10.75 -36.48
CA LEU B 507 24.25 -11.60 -36.96
C LEU B 507 23.65 -12.87 -37.57
N LYS B 508 22.64 -13.42 -36.89
CA LYS B 508 21.97 -14.63 -37.35
C LYS B 508 21.47 -14.49 -38.79
N LEU B 509 21.22 -13.25 -39.22
CA LEU B 509 20.75 -12.99 -40.58
C LEU B 509 21.95 -12.67 -41.48
N GLU B 510 23.13 -13.12 -41.08
CA GLU B 510 24.31 -12.86 -41.87
C GLU B 510 24.39 -13.78 -43.06
#